data_5GMX
#
_entry.id   5GMX
#
_cell.length_a   80.128
_cell.length_b   95.149
_cell.length_c   99.943
_cell.angle_alpha   90.00
_cell.angle_beta   90.00
_cell.angle_gamma   90.00
#
_symmetry.space_group_name_H-M   'P 21 21 21'
#
loop_
_entity.id
_entity.type
_entity.pdbx_description
1 polymer Carboxylesterase
2 non-polymer 'phenylmethanesulfonic acid'
3 water water
#
_entity_poly.entity_id   1
_entity_poly.type   'polypeptide(L)'
_entity_poly.pdbx_seq_one_letter_code
;(MSE)STGIEIQGICAPEFTKVRDAFAANFKDGKEVGASFGLAIEGEIVVDLWGGFADAGRSRPWRSDTLINTYSTTKG
(MSE)AATVVGVLADEGLIDYNARVADYWPEFAAAGKKDVTVAQLLSHQAGICGPRERVE(MSE)ADLYDWDKLCA
(MSE)LAAQWPFFEPGTANGYHAVVFGHIAGEVARRVTGRTKSLGQLFAEKVASPIGAGNDYYIGLPASEDHRVAE
(MSE)LPVIGSEQLGTGLGGKKR(MSE)SDALYCA(MSE)AHPPLTAHIANDRAWRAAEVPGANGQGNGRGIAKVYGALA
NGGTLGGTRIISAKGIAE(MSE)TREECFRKDEVIGVR(MSE)RWSRGFILNKAELYGPNPDAFGHSGWGGSFGFADTKA
RLG(MSE)GYA(MSE)NQ(MSE)DTNIFGDPRGVRLIEAAYRCLPNSLEHHHHHH
;
_entity_poly.pdbx_strand_id   A,B
#
loop_
_chem_comp.id
_chem_comp.type
_chem_comp.name
_chem_comp.formula
PMS non-polymer 'phenylmethanesulfonic acid' 'C7 H8 O3 S'
#
# COMPACT_ATOMS: atom_id res chain seq x y z
N ILE A 5 -18.17 -23.09 19.57
CA ILE A 5 -17.24 -22.94 18.45
C ILE A 5 -15.80 -22.95 18.95
N GLU A 6 -14.86 -23.31 18.07
CA GLU A 6 -13.46 -23.36 18.43
C GLU A 6 -12.72 -22.04 18.18
N ILE A 7 -12.04 -21.55 19.20
CA ILE A 7 -11.29 -20.30 19.13
C ILE A 7 -10.02 -20.44 18.29
N GLN A 8 -9.85 -19.52 17.34
CA GLN A 8 -8.69 -19.48 16.46
C GLN A 8 -7.70 -18.39 16.90
N GLY A 9 -6.44 -18.56 16.56
CA GLY A 9 -5.45 -17.53 16.79
C GLY A 9 -4.31 -17.95 17.68
N ILE A 10 -3.60 -16.97 18.24
CA ILE A 10 -2.43 -17.24 19.07
C ILE A 10 -2.56 -16.52 20.41
N CYS A 11 -2.14 -17.18 21.46
CA CYS A 11 -2.26 -16.65 22.81
C CYS A 11 -1.07 -17.09 23.64
N ALA A 12 -0.29 -16.13 24.12
CA ALA A 12 0.85 -16.45 24.98
C ALA A 12 0.38 -17.19 26.23
N PRO A 13 1.14 -18.20 26.66
CA PRO A 13 0.81 -19.06 27.80
C PRO A 13 0.30 -18.29 29.02
N GLU A 14 1.04 -17.28 29.43
CA GLU A 14 0.68 -16.52 30.63
C GLU A 14 -0.66 -15.80 30.50
N PHE A 15 -1.22 -15.76 29.30
CA PHE A 15 -2.50 -15.08 29.10
C PHE A 15 -3.64 -16.03 28.76
N THR A 16 -3.45 -17.31 29.10
CA THR A 16 -4.45 -18.34 28.82
C THR A 16 -5.84 -18.00 29.35
N LYS A 17 -5.90 -17.39 30.53
CA LYS A 17 -7.18 -17.00 31.12
C LYS A 17 -7.97 -16.10 30.16
N VAL A 18 -7.27 -15.17 29.51
CA VAL A 18 -7.92 -14.28 28.56
C VAL A 18 -8.56 -15.11 27.46
N ARG A 19 -7.81 -16.08 26.94
CA ARG A 19 -8.34 -16.96 25.90
C ARG A 19 -9.64 -17.60 26.37
N ASP A 20 -9.60 -18.12 27.60
CA ASP A 20 -10.76 -18.75 28.19
C ASP A 20 -11.93 -17.78 28.26
N ALA A 21 -11.68 -16.57 28.74
CA ALA A 21 -12.76 -15.58 28.84
C ALA A 21 -13.35 -15.34 27.45
N PHE A 22 -12.48 -15.21 26.45
CA PHE A 22 -12.95 -14.97 25.09
C PHE A 22 -13.90 -16.11 24.70
N ALA A 23 -13.43 -17.35 24.91
CA ALA A 23 -14.20 -18.53 24.51
C ALA A 23 -15.50 -18.56 25.28
N ALA A 24 -15.43 -18.14 26.55
CA ALA A 24 -16.58 -18.20 27.43
C ALA A 24 -17.72 -17.36 26.86
N ASN A 25 -17.39 -16.22 26.25
CA ASN A 25 -18.45 -15.33 25.75
C ASN A 25 -19.25 -16.00 24.63
N PHE A 26 -18.63 -16.96 23.95
CA PHE A 26 -19.31 -17.71 22.90
C PHE A 26 -20.23 -18.78 23.51
N LYS A 27 -19.75 -19.42 24.57
CA LYS A 27 -20.46 -20.56 25.14
C LYS A 27 -21.80 -20.11 25.72
N ASP A 28 -21.85 -18.87 26.18
CA ASP A 28 -23.06 -18.31 26.78
C ASP A 28 -24.02 -17.75 25.73
N GLY A 29 -23.72 -17.99 24.46
CA GLY A 29 -24.56 -17.54 23.37
C GLY A 29 -24.56 -16.04 23.12
N LYS A 30 -23.65 -15.32 23.78
CA LYS A 30 -23.58 -13.85 23.67
C LYS A 30 -22.85 -13.32 22.44
N GLU A 31 -22.37 -14.21 21.57
CA GLU A 31 -21.58 -13.78 20.43
C GLU A 31 -22.04 -14.47 19.16
N VAL A 32 -21.83 -13.82 18.02
CA VAL A 32 -21.93 -14.52 16.76
C VAL A 32 -20.52 -14.66 16.21
N GLY A 33 -19.89 -13.53 15.92
CA GLY A 33 -18.49 -13.49 15.55
C GLY A 33 -17.75 -12.41 16.31
N ALA A 34 -16.47 -12.64 16.58
CA ALA A 34 -15.70 -11.67 17.35
C ALA A 34 -14.21 -11.80 17.17
N SER A 35 -13.52 -10.69 17.41
CA SER A 35 -12.07 -10.64 17.38
C SER A 35 -11.57 -9.84 18.57
N PHE A 36 -10.41 -10.24 19.06
CA PHE A 36 -9.81 -9.67 20.25
C PHE A 36 -8.29 -9.58 20.13
N GLY A 37 -7.73 -8.47 20.58
CA GLY A 37 -6.29 -8.30 20.61
C GLY A 37 -5.82 -7.76 21.95
N LEU A 38 -4.61 -8.14 22.32
CA LEU A 38 -3.99 -7.64 23.52
C LEU A 38 -2.49 -7.46 23.29
N ALA A 39 -2.01 -6.24 23.52
CA ALA A 39 -0.61 -5.91 23.40
C ALA A 39 -0.02 -5.60 24.77
N ILE A 40 1.17 -6.13 25.03
CA ILE A 40 1.89 -5.86 26.25
C ILE A 40 3.31 -5.42 25.88
N GLU A 41 3.73 -4.29 26.46
CA GLU A 41 5.08 -3.77 26.30
C GLU A 41 5.52 -3.71 24.84
N GLY A 42 4.60 -3.29 23.96
CA GLY A 42 4.95 -3.05 22.58
C GLY A 42 4.89 -4.27 21.68
N GLU A 43 4.31 -5.37 22.18
CA GLU A 43 4.16 -6.54 21.33
C GLU A 43 2.76 -7.15 21.48
N ILE A 44 2.18 -7.58 20.37
CA ILE A 44 0.93 -8.35 20.42
C ILE A 44 1.18 -9.73 21.05
N VAL A 45 0.46 -10.04 22.13
CA VAL A 45 0.66 -11.31 22.83
C VAL A 45 -0.62 -12.15 22.86
N VAL A 46 -1.75 -11.51 22.56
CA VAL A 46 -3.00 -12.23 22.34
C VAL A 46 -3.64 -11.74 21.04
N ASP A 47 -4.04 -12.69 20.20
CA ASP A 47 -4.62 -12.40 18.90
C ASP A 47 -5.60 -13.52 18.57
N LEU A 48 -6.87 -13.31 18.89
CA LEU A 48 -7.88 -14.36 18.84
C LEU A 48 -9.10 -13.95 18.02
N TRP A 49 -9.76 -14.94 17.43
CA TRP A 49 -11.06 -14.70 16.82
C TRP A 49 -11.87 -15.98 16.86
N GLY A 50 -13.14 -15.89 16.48
CA GLY A 50 -14.01 -17.04 16.49
C GLY A 50 -15.41 -16.73 16.01
N GLY A 51 -16.19 -17.79 15.80
CA GLY A 51 -17.58 -17.65 15.39
C GLY A 51 -17.75 -17.36 13.93
N PHE A 52 -18.83 -16.67 13.58
CA PHE A 52 -19.21 -16.50 12.20
C PHE A 52 -19.35 -15.05 11.78
N ALA A 53 -19.17 -14.80 10.49
CA ALA A 53 -19.29 -13.48 9.92
C ALA A 53 -20.75 -13.15 9.54
N ASP A 54 -21.61 -14.15 9.52
CA ASP A 54 -22.98 -13.95 9.02
C ASP A 54 -24.03 -14.48 10.00
N ALA A 55 -25.23 -13.95 9.90
CA ALA A 55 -26.34 -14.37 10.75
C ALA A 55 -26.65 -15.85 10.61
N GLY A 56 -26.52 -16.36 9.39
CA GLY A 56 -26.83 -17.75 9.10
C GLY A 56 -25.81 -18.77 9.59
N ARG A 57 -24.73 -18.28 10.19
CA ARG A 57 -23.66 -19.13 10.72
C ARG A 57 -23.09 -20.06 9.66
N SER A 58 -22.97 -19.57 8.43
CA SER A 58 -22.47 -20.39 7.34
C SER A 58 -21.07 -19.97 6.90
N ARG A 59 -20.60 -18.81 7.35
CA ARG A 59 -19.28 -18.35 6.95
C ARG A 59 -18.48 -18.01 8.19
N PRO A 60 -17.46 -18.82 8.50
CA PRO A 60 -16.69 -18.58 9.73
C PRO A 60 -15.91 -17.26 9.69
N TRP A 61 -15.79 -16.64 10.85
CA TRP A 61 -14.95 -15.46 11.04
C TRP A 61 -13.50 -15.84 10.76
N ARG A 62 -12.80 -15.04 9.97
CA ARG A 62 -11.41 -15.37 9.63
C ARG A 62 -10.46 -14.37 10.25
N SER A 63 -9.15 -14.64 10.13
CA SER A 63 -8.16 -13.78 10.77
C SER A 63 -8.25 -12.33 10.26
N ASP A 64 -8.54 -12.16 8.98
CA ASP A 64 -8.56 -10.82 8.39
C ASP A 64 -9.97 -10.20 8.30
N THR A 65 -10.94 -10.81 8.97
CA THR A 65 -12.32 -10.32 8.92
C THR A 65 -12.43 -8.93 9.56
N LEU A 66 -13.17 -8.05 8.90
CA LEU A 66 -13.40 -6.68 9.38
C LEU A 66 -14.86 -6.44 9.78
N ILE A 67 -15.08 -5.47 10.67
CA ILE A 67 -16.43 -5.09 11.08
C ILE A 67 -16.46 -3.59 11.39
N ASN A 68 -17.61 -2.96 11.19
CA ASN A 68 -17.80 -1.58 11.60
C ASN A 68 -17.61 -1.45 13.11
N THR A 69 -16.83 -0.48 13.55
CA THR A 69 -16.53 -0.34 14.97
C THR A 69 -17.20 0.87 15.61
N TYR A 70 -18.00 1.60 14.84
CA TYR A 70 -18.70 2.78 15.32
C TYR A 70 -17.77 3.74 16.06
N SER A 71 -18.16 4.19 17.25
CA SER A 71 -17.41 5.28 17.90
C SER A 71 -16.02 4.87 18.40
N THR A 72 -15.69 3.59 18.32
CA THR A 72 -14.32 3.16 18.56
C THR A 72 -13.40 3.96 17.62
N THR A 73 -13.91 4.24 16.43
CA THR A 73 -13.22 5.06 15.43
C THR A 73 -12.79 6.45 15.96
N LYS A 74 -13.56 7.02 16.88
CA LYS A 74 -13.23 8.35 17.39
C LYS A 74 -11.84 8.34 18.01
N GLY A 75 -11.49 7.25 18.71
CA GLY A 75 -10.16 7.16 19.29
C GLY A 75 -9.10 7.24 18.21
N MSE A 76 -9.34 6.54 17.11
CA MSE A 76 -8.40 6.55 16.00
C MSE A 76 -8.24 7.96 15.47
O MSE A 76 -7.12 8.43 15.23
CB MSE A 76 -8.86 5.61 14.89
CG MSE A 76 -9.10 4.19 15.40
SE MSE A 76 -7.50 3.40 16.24
CE MSE A 76 -8.27 1.68 16.70
N ALA A 77 -9.36 8.69 15.35
CA ALA A 77 -9.29 10.03 14.80
C ALA A 77 -8.48 10.89 15.75
N ALA A 78 -8.70 10.68 17.05
CA ALA A 78 -8.03 11.52 18.04
C ALA A 78 -6.53 11.28 17.93
N THR A 79 -6.15 10.04 17.62
CA THR A 79 -4.74 9.72 17.57
C THR A 79 -4.07 10.52 16.46
N VAL A 80 -4.75 10.67 15.33
CA VAL A 80 -4.20 11.46 14.24
C VAL A 80 -3.87 12.86 14.73
N VAL A 81 -4.82 13.48 15.45
CA VAL A 81 -4.60 14.86 15.88
C VAL A 81 -3.42 14.89 16.82
N GLY A 82 -3.38 13.90 17.71
CA GLY A 82 -2.31 13.80 18.66
C GLY A 82 -0.96 13.72 17.98
N VAL A 83 -0.88 12.91 16.93
CA VAL A 83 0.39 12.72 16.24
C VAL A 83 0.77 14.05 15.62
N LEU A 84 -0.21 14.72 15.02
CA LEU A 84 0.09 15.97 14.35
C LEU A 84 0.46 17.02 15.39
N ALA A 85 -0.12 16.91 16.59
CA ALA A 85 0.23 17.90 17.60
C ALA A 85 1.65 17.64 18.05
N ASP A 86 2.03 16.36 18.05
CA ASP A 86 3.34 15.95 18.55
C ASP A 86 4.42 16.41 17.58
N GLU A 87 4.08 16.51 16.30
CA GLU A 87 5.00 17.01 15.28
C GLU A 87 5.08 18.54 15.26
N GLY A 88 4.24 19.21 16.04
CA GLY A 88 4.27 20.67 16.13
C GLY A 88 3.38 21.39 15.15
N LEU A 89 2.50 20.66 14.47
CA LEU A 89 1.61 21.28 13.49
C LEU A 89 0.32 21.80 14.16
N ILE A 90 -0.03 21.24 15.31
CA ILE A 90 -1.22 21.67 16.03
C ILE A 90 -0.92 22.01 17.48
N ASP A 91 -1.40 23.17 17.92
CA ASP A 91 -1.34 23.55 19.32
C ASP A 91 -2.73 23.40 19.95
N TYR A 92 -2.84 22.51 20.93
CA TYR A 92 -4.14 22.24 21.55
C TYR A 92 -4.77 23.50 22.15
N ASN A 93 -3.93 24.45 22.54
CA ASN A 93 -4.42 25.68 23.15
C ASN A 93 -4.76 26.75 22.12
N ALA A 94 -4.43 26.52 20.86
CA ALA A 94 -4.70 27.49 19.80
C ALA A 94 -6.16 27.44 19.35
N ARG A 95 -6.65 28.55 18.82
CA ARG A 95 -8.00 28.62 18.27
C ARG A 95 -8.10 27.74 17.04
N VAL A 96 -9.20 26.99 16.93
CA VAL A 96 -9.50 26.24 15.71
C VAL A 96 -9.39 27.14 14.48
N ALA A 97 -9.85 28.39 14.60
CA ALA A 97 -9.90 29.31 13.47
C ALA A 97 -8.50 29.72 12.97
N ASP A 98 -7.48 29.51 13.80
CA ASP A 98 -6.10 29.71 13.35
C ASP A 98 -5.76 28.79 12.18
N TYR A 99 -6.32 27.58 12.20
CA TYR A 99 -6.06 26.59 11.17
C TYR A 99 -7.21 26.46 10.16
N TRP A 100 -8.40 26.85 10.61
CA TRP A 100 -9.64 26.64 9.88
C TRP A 100 -10.45 27.92 10.01
N PRO A 101 -10.12 28.94 9.21
CA PRO A 101 -10.63 30.31 9.36
C PRO A 101 -12.14 30.40 9.32
N GLU A 102 -12.77 29.66 8.41
CA GLU A 102 -14.21 29.66 8.28
C GLU A 102 -14.92 29.23 9.56
N PHE A 103 -14.20 28.51 10.42
CA PHE A 103 -14.78 28.03 11.66
C PHE A 103 -15.10 29.17 12.62
N ALA A 104 -14.49 30.34 12.38
CA ALA A 104 -14.69 31.48 13.27
C ALA A 104 -16.13 32.05 13.22
N ALA A 105 -16.88 31.65 12.20
CA ALA A 105 -18.24 32.12 12.03
C ALA A 105 -19.15 31.73 13.19
N ALA A 106 -20.23 32.49 13.37
CA ALA A 106 -21.32 32.16 14.28
C ALA A 106 -20.84 31.83 15.70
N GLY A 107 -20.09 32.73 16.30
CA GLY A 107 -19.76 32.63 17.72
C GLY A 107 -18.61 31.72 18.12
N LYS A 108 -17.83 31.22 17.15
CA LYS A 108 -16.82 30.21 17.45
C LYS A 108 -15.38 30.70 17.24
N LYS A 109 -15.18 32.02 17.19
CA LYS A 109 -13.85 32.57 16.87
C LYS A 109 -12.82 32.29 17.98
N ASP A 110 -13.26 31.93 19.17
CA ASP A 110 -12.30 31.71 20.26
C ASP A 110 -12.24 30.27 20.73
N VAL A 111 -13.03 29.39 20.12
CA VAL A 111 -12.97 27.96 20.42
C VAL A 111 -11.58 27.38 20.14
N THR A 112 -10.99 26.73 21.13
CA THR A 112 -9.67 26.11 20.98
C THR A 112 -9.75 24.66 20.49
N VAL A 113 -8.62 24.14 20.00
CA VAL A 113 -8.59 22.77 19.49
C VAL A 113 -8.90 21.78 20.61
N ALA A 114 -8.38 22.05 21.81
CA ALA A 114 -8.65 21.21 22.98
C ALA A 114 -10.15 21.17 23.30
N GLN A 115 -10.84 22.30 23.17
CA GLN A 115 -12.29 22.35 23.39
C GLN A 115 -13.08 21.60 22.32
N LEU A 116 -12.69 21.76 21.06
CA LEU A 116 -13.30 21.03 19.95
C LEU A 116 -13.16 19.51 20.17
N LEU A 117 -11.98 19.07 20.57
CA LEU A 117 -11.71 17.64 20.73
C LEU A 117 -12.33 17.03 21.97
N SER A 118 -12.78 17.87 22.91
CA SER A 118 -13.43 17.39 24.13
C SER A 118 -14.93 17.64 24.12
N HIS A 119 -15.49 17.82 22.93
CA HIS A 119 -16.94 17.94 22.74
C HIS A 119 -17.50 19.16 23.45
N GLN A 120 -16.69 20.22 23.53
CA GLN A 120 -17.12 21.46 24.17
C GLN A 120 -17.35 22.62 23.20
N ALA A 121 -17.33 22.34 21.89
CA ALA A 121 -17.58 23.40 20.91
C ALA A 121 -19.07 23.67 20.73
N GLY A 122 -19.91 22.73 21.16
CA GLY A 122 -21.35 22.94 21.11
C GLY A 122 -22.00 22.72 19.76
N ILE A 123 -21.32 22.05 18.84
CA ILE A 123 -21.95 21.73 17.56
C ILE A 123 -22.15 20.23 17.45
N CYS A 124 -22.90 19.70 18.42
CA CYS A 124 -23.01 18.28 18.67
C CYS A 124 -23.58 17.48 17.49
N GLY A 125 -24.31 18.18 16.62
CA GLY A 125 -24.85 17.60 15.41
C GLY A 125 -25.36 18.71 14.49
N PRO A 126 -25.62 18.37 13.22
CA PRO A 126 -26.09 19.39 12.27
C PRO A 126 -27.47 19.90 12.66
N ARG A 127 -27.70 21.20 12.53
CA ARG A 127 -28.99 21.74 12.93
C ARG A 127 -30.10 21.32 11.96
N GLU A 128 -29.75 21.20 10.69
CA GLU A 128 -30.75 20.82 9.70
C GLU A 128 -30.68 19.34 9.35
N ARG A 129 -31.81 18.79 8.91
CA ARG A 129 -31.92 17.39 8.57
C ARG A 129 -30.98 17.04 7.43
N VAL A 130 -30.16 16.00 7.62
CA VAL A 130 -29.20 15.60 6.61
C VAL A 130 -29.45 14.17 6.12
N GLU A 131 -29.14 13.93 4.85
CA GLU A 131 -29.17 12.59 4.27
C GLU A 131 -27.81 11.93 4.50
N MSE A 132 -27.74 10.62 4.30
CA MSE A 132 -26.47 9.89 4.38
C MSE A 132 -25.48 10.38 3.33
O MSE A 132 -24.27 10.51 3.59
CB MSE A 132 -26.70 8.39 4.23
CG MSE A 132 -27.48 7.76 5.37
SE MSE A 132 -26.39 7.73 6.99
CE MSE A 132 -27.70 6.99 8.25
N ALA A 133 -26.01 10.65 2.14
CA ALA A 133 -25.19 11.19 1.06
C ALA A 133 -24.51 12.48 1.51
N ASP A 134 -25.22 13.24 2.35
CA ASP A 134 -24.66 14.47 2.90
C ASP A 134 -23.46 14.15 3.78
N LEU A 135 -23.58 13.06 4.53
CA LEU A 135 -22.48 12.58 5.36
C LEU A 135 -21.25 12.25 4.51
N TYR A 136 -21.50 11.73 3.30
CA TYR A 136 -20.38 11.29 2.47
C TYR A 136 -19.67 12.44 1.76
N ASP A 137 -20.29 13.61 1.72
CA ASP A 137 -19.66 14.78 1.09
C ASP A 137 -18.88 15.58 2.13
N TRP A 138 -17.58 15.30 2.23
CA TRP A 138 -16.74 15.82 3.31
C TRP A 138 -16.71 17.35 3.42
N ASP A 139 -16.34 18.00 2.34
CA ASP A 139 -16.16 19.45 2.33
C ASP A 139 -17.47 20.19 2.61
N LYS A 140 -18.56 19.63 2.09
CA LYS A 140 -19.87 20.25 2.25
C LYS A 140 -20.36 20.15 3.71
N LEU A 141 -20.21 18.96 4.30
CA LEU A 141 -20.58 18.78 5.70
C LEU A 141 -19.74 19.67 6.62
N CYS A 142 -18.43 19.73 6.34
CA CYS A 142 -17.52 20.57 7.12
C CYS A 142 -17.88 22.06 6.99
N ALA A 143 -18.22 22.50 5.79
CA ALA A 143 -18.63 23.89 5.55
C ALA A 143 -19.87 24.20 6.36
N MSE A 144 -20.85 23.30 6.32
CA MSE A 144 -22.05 23.44 7.12
C MSE A 144 -21.76 23.55 8.63
O MSE A 144 -22.32 24.43 9.31
CB MSE A 144 -22.98 22.27 6.86
CG MSE A 144 -24.10 22.12 7.87
SE MSE A 144 -25.19 20.58 7.39
CE MSE A 144 -25.59 21.06 5.54
N LEU A 145 -20.92 22.66 9.15
CA LEU A 145 -20.60 22.70 10.58
C LEU A 145 -19.86 23.97 10.99
N ALA A 146 -18.93 24.43 10.16
CA ALA A 146 -18.19 25.66 10.48
C ALA A 146 -19.13 26.87 10.57
N ALA A 147 -20.22 26.83 9.81
CA ALA A 147 -21.13 27.96 9.75
C ALA A 147 -22.19 27.92 10.88
N GLN A 148 -22.19 26.85 11.66
CA GLN A 148 -23.27 26.58 12.59
C GLN A 148 -23.13 27.28 13.93
N TRP A 149 -24.26 27.77 14.43
CA TRP A 149 -24.37 28.37 15.76
C TRP A 149 -24.45 27.27 16.83
N PRO A 150 -23.57 27.33 17.84
CA PRO A 150 -23.51 26.30 18.89
C PRO A 150 -24.79 26.21 19.72
N PHE A 151 -25.08 25.01 20.21
CA PHE A 151 -26.26 24.77 21.05
C PHE A 151 -26.07 25.32 22.45
N PHE A 152 -24.84 25.38 22.90
CA PHE A 152 -24.52 25.98 24.20
C PHE A 152 -23.24 26.80 24.04
N GLU A 153 -22.95 27.64 25.02
CA GLU A 153 -21.74 28.45 24.95
C GLU A 153 -20.49 27.55 24.99
N PRO A 154 -19.59 27.69 24.01
CA PRO A 154 -18.43 26.81 23.93
C PRO A 154 -17.57 26.86 25.20
N GLY A 155 -17.13 25.69 25.67
CA GLY A 155 -16.30 25.63 26.86
C GLY A 155 -17.06 25.57 28.19
N THR A 156 -18.37 25.72 28.15
CA THR A 156 -19.17 25.74 29.39
C THR A 156 -19.93 24.45 29.64
N ALA A 157 -19.85 23.54 28.68
CA ALA A 157 -20.51 22.23 28.78
C ALA A 157 -19.90 21.30 27.76
N ASN A 158 -20.15 20.01 27.90
CA ASN A 158 -19.78 19.04 26.87
C ASN A 158 -21.03 18.32 26.39
N GLY A 159 -21.10 18.13 25.07
CA GLY A 159 -22.19 17.42 24.45
C GLY A 159 -21.61 16.56 23.35
N TYR A 160 -21.63 15.25 23.55
CA TYR A 160 -21.05 14.29 22.62
C TYR A 160 -21.37 14.57 21.16
N HIS A 161 -20.34 14.87 20.37
CA HIS A 161 -20.48 15.10 18.94
C HIS A 161 -20.55 13.72 18.26
N ALA A 162 -21.70 13.08 18.44
CA ALA A 162 -21.88 11.64 18.19
C ALA A 162 -21.47 11.14 16.82
N VAL A 163 -21.72 11.93 15.78
CA VAL A 163 -21.39 11.49 14.43
C VAL A 163 -20.36 12.40 13.78
N VAL A 164 -20.49 13.70 14.02
CA VAL A 164 -19.69 14.69 13.30
C VAL A 164 -18.30 14.93 13.91
N PHE A 165 -18.00 14.31 15.05
CA PHE A 165 -16.68 14.48 15.69
C PHE A 165 -15.52 14.22 14.72
N GLY A 166 -15.65 13.15 13.94
CA GLY A 166 -14.64 12.76 12.99
C GLY A 166 -14.39 13.81 11.93
N HIS A 167 -15.46 14.47 11.50
CA HIS A 167 -15.35 15.52 10.49
C HIS A 167 -14.64 16.79 11.01
N ILE A 168 -14.98 17.23 12.21
CA ILE A 168 -14.37 18.47 12.71
C ILE A 168 -12.92 18.24 13.15
N ALA A 169 -12.69 17.14 13.88
CA ALA A 169 -11.34 16.76 14.26
C ALA A 169 -10.49 16.56 13.00
N GLY A 170 -11.04 15.79 12.07
CA GLY A 170 -10.38 15.44 10.83
C GLY A 170 -10.08 16.64 9.96
N GLU A 171 -10.98 17.62 9.96
CA GLU A 171 -10.78 18.80 9.13
C GLU A 171 -9.66 19.65 9.70
N VAL A 172 -9.55 19.69 11.03
CA VAL A 172 -8.37 20.36 11.58
C VAL A 172 -7.08 19.67 11.11
N ALA A 173 -7.09 18.34 11.21
CA ALA A 173 -5.96 17.53 10.76
C ALA A 173 -5.59 17.78 9.30
N ARG A 174 -6.60 17.89 8.44
CA ARG A 174 -6.41 18.09 7.02
C ARG A 174 -5.88 19.49 6.76
N ARG A 175 -6.37 20.47 7.51
CA ARG A 175 -5.94 21.85 7.29
C ARG A 175 -4.48 22.06 7.62
N VAL A 176 -3.98 21.44 8.69
CA VAL A 176 -2.57 21.67 9.02
C VAL A 176 -1.62 20.83 8.17
N THR A 177 -2.17 19.93 7.35
CA THR A 177 -1.36 19.19 6.38
C THR A 177 -1.71 19.63 4.95
N GLY A 178 -2.25 20.83 4.82
CA GLY A 178 -2.45 21.44 3.52
C GLY A 178 -3.54 20.83 2.65
N ARG A 179 -4.45 20.08 3.26
CA ARG A 179 -5.52 19.40 2.54
C ARG A 179 -5.00 18.53 1.40
N THR A 180 -3.80 17.99 1.56
CA THR A 180 -3.23 17.10 0.55
C THR A 180 -3.77 15.67 0.70
N LYS A 181 -4.21 15.31 1.90
CA LYS A 181 -4.69 13.95 2.17
C LYS A 181 -6.02 13.93 2.94
N SER A 182 -6.81 12.89 2.73
CA SER A 182 -8.03 12.72 3.52
C SER A 182 -7.68 12.27 4.95
N LEU A 183 -8.64 12.32 5.87
CA LEU A 183 -8.33 11.90 7.24
C LEU A 183 -7.96 10.41 7.27
N GLY A 184 -8.66 9.61 6.46
CA GLY A 184 -8.34 8.20 6.33
C GLY A 184 -6.91 7.89 5.90
N GLN A 185 -6.40 8.69 4.95
CA GLN A 185 -5.03 8.51 4.48
C GLN A 185 -4.01 8.99 5.51
N LEU A 186 -4.35 10.04 6.24
CA LEU A 186 -3.49 10.49 7.34
C LEU A 186 -3.40 9.42 8.42
N PHE A 187 -4.53 8.78 8.72
CA PHE A 187 -4.53 7.68 9.68
C PHE A 187 -3.69 6.51 9.15
N ALA A 188 -3.91 6.14 7.90
CA ALA A 188 -3.12 5.08 7.27
C ALA A 188 -1.62 5.35 7.35
N GLU A 189 -1.21 6.56 6.96
CA GLU A 189 0.21 6.87 6.81
C GLU A 189 0.93 7.19 8.11
N LYS A 190 0.24 7.83 9.04
CA LYS A 190 0.91 8.28 10.25
C LYS A 190 0.66 7.43 11.48
N VAL A 191 -0.39 6.61 11.47
CA VAL A 191 -0.70 5.81 12.65
C VAL A 191 -0.62 4.31 12.39
N ALA A 192 -1.40 3.83 11.43
CA ALA A 192 -1.60 2.38 11.25
C ALA A 192 -0.47 1.67 10.51
N SER A 193 -0.08 2.20 9.36
CA SER A 193 0.92 1.55 8.51
C SER A 193 2.31 1.40 9.17
N PRO A 194 2.82 2.46 9.84
CA PRO A 194 4.15 2.30 10.45
C PRO A 194 4.27 1.14 11.45
N ILE A 195 3.20 0.84 12.18
CA ILE A 195 3.26 -0.22 13.17
C ILE A 195 2.66 -1.52 12.64
N GLY A 196 2.33 -1.53 11.34
CA GLY A 196 1.83 -2.72 10.69
C GLY A 196 0.38 -3.03 11.01
N ALA A 197 -0.42 -2.02 11.34
CA ALA A 197 -1.83 -2.22 11.62
C ALA A 197 -2.68 -1.78 10.44
N GLY A 198 -2.01 -1.37 9.37
CA GLY A 198 -2.67 -0.78 8.21
C GLY A 198 -3.57 -1.71 7.42
N ASN A 199 -3.46 -3.01 7.67
CA ASN A 199 -4.35 -3.97 7.03
C ASN A 199 -5.51 -4.40 7.94
N ASP A 200 -5.55 -3.88 9.16
CA ASP A 200 -6.56 -4.33 10.11
C ASP A 200 -7.41 -3.17 10.69
N TYR A 201 -7.24 -1.96 10.17
CA TYR A 201 -8.13 -0.85 10.50
C TYR A 201 -8.15 0.21 9.40
N TYR A 202 -9.34 0.48 8.89
CA TYR A 202 -9.52 1.43 7.79
C TYR A 202 -10.55 2.50 8.12
N ILE A 203 -10.28 3.73 7.71
CA ILE A 203 -11.30 4.77 7.67
C ILE A 203 -11.47 5.14 6.21
N GLY A 204 -12.54 4.65 5.61
CA GLY A 204 -12.67 4.65 4.16
C GLY A 204 -12.09 3.34 3.66
N LEU A 205 -12.95 2.35 3.44
CA LEU A 205 -12.48 1.01 3.07
C LEU A 205 -12.35 0.86 1.55
N PRO A 206 -11.13 0.57 1.07
CA PRO A 206 -10.92 0.32 -0.37
C PRO A 206 -11.77 -0.84 -0.88
N ALA A 207 -12.29 -0.76 -2.11
CA ALA A 207 -13.12 -1.84 -2.66
C ALA A 207 -12.44 -3.21 -2.57
N SER A 208 -11.14 -3.25 -2.83
CA SER A 208 -10.37 -4.49 -2.80
C SER A 208 -10.42 -5.24 -1.46
N GLU A 209 -10.77 -4.53 -0.38
CA GLU A 209 -10.81 -5.12 0.94
C GLU A 209 -12.25 -5.44 1.39
N ASP A 210 -13.23 -5.02 0.59
CA ASP A 210 -14.62 -5.08 1.06
C ASP A 210 -15.13 -6.50 1.27
N HIS A 211 -14.54 -7.48 0.60
CA HIS A 211 -14.94 -8.87 0.76
C HIS A 211 -14.67 -9.38 2.18
N ARG A 212 -13.86 -8.63 2.94
CA ARG A 212 -13.49 -9.08 4.27
C ARG A 212 -14.51 -8.70 5.35
N VAL A 213 -15.47 -7.84 5.00
CA VAL A 213 -16.40 -7.33 6.00
C VAL A 213 -17.43 -8.37 6.45
N ALA A 214 -17.54 -8.54 7.76
CA ALA A 214 -18.56 -9.40 8.33
C ALA A 214 -19.88 -8.66 8.35
N GLU A 215 -20.96 -9.35 8.68
CA GLU A 215 -22.29 -8.75 8.69
C GLU A 215 -22.63 -8.21 10.06
N MSE A 216 -23.00 -6.94 10.13
CA MSE A 216 -23.37 -6.34 11.41
C MSE A 216 -24.77 -6.81 11.83
O MSE A 216 -25.68 -6.88 11.02
CB MSE A 216 -23.34 -4.83 11.34
CG MSE A 216 -23.63 -4.18 12.68
SE MSE A 216 -22.11 -4.44 13.88
CE MSE A 216 -20.91 -3.32 12.91
N LEU A 217 -24.93 -7.15 13.11
CA LEU A 217 -26.20 -7.68 13.58
C LEU A 217 -26.81 -6.84 14.71
N PRO A 218 -28.04 -6.37 14.50
CA PRO A 218 -28.77 -5.58 15.51
C PRO A 218 -29.15 -6.43 16.72
N VAL A 219 -29.43 -5.79 17.84
CA VAL A 219 -29.77 -6.51 19.07
C VAL A 219 -31.13 -7.20 18.98
N ARG A 234 -38.70 15.09 26.58
CA ARG A 234 -38.35 16.01 25.50
C ARG A 234 -36.83 16.09 25.32
N MSE A 235 -36.38 16.08 24.08
CA MSE A 235 -34.96 16.23 23.81
C MSE A 235 -34.59 17.68 23.50
O MSE A 235 -35.26 18.35 22.71
CB MSE A 235 -34.54 15.35 22.64
CG MSE A 235 -34.74 13.86 22.88
SE MSE A 235 -34.27 12.83 21.30
CE MSE A 235 -35.93 13.02 20.28
N SER A 236 -33.51 18.15 24.11
CA SER A 236 -32.91 19.44 23.77
C SER A 236 -32.50 19.46 22.30
N ASP A 237 -32.29 20.65 21.76
CA ASP A 237 -31.83 20.79 20.37
C ASP A 237 -30.55 19.96 20.15
N ALA A 238 -29.62 20.02 21.10
CA ALA A 238 -28.33 19.32 20.96
C ALA A 238 -28.49 17.79 20.85
N LEU A 239 -29.20 17.21 21.82
CA LEU A 239 -29.40 15.76 21.85
C LEU A 239 -30.16 15.31 20.62
N TYR A 240 -31.20 16.07 20.29
CA TYR A 240 -32.03 15.75 19.13
C TYR A 240 -31.24 15.78 17.83
N CYS A 241 -30.43 16.82 17.62
CA CYS A 241 -29.66 16.92 16.40
C CYS A 241 -28.57 15.85 16.33
N ALA A 242 -27.97 15.55 17.47
CA ALA A 242 -26.95 14.52 17.53
C ALA A 242 -27.52 13.11 17.26
N MSE A 243 -28.81 12.92 17.55
CA MSE A 243 -29.42 11.59 17.41
C MSE A 243 -30.34 11.42 16.20
O MSE A 243 -30.70 10.30 15.86
CB MSE A 243 -30.23 11.25 18.66
CG MSE A 243 -29.38 10.98 19.92
SE MSE A 243 -28.03 9.57 19.68
CE MSE A 243 -26.45 10.65 19.95
N ALA A 244 -30.73 12.51 15.55
CA ALA A 244 -31.72 12.40 14.49
C ALA A 244 -31.19 12.86 13.13
N HIS A 245 -30.04 13.51 13.12
CA HIS A 245 -29.49 14.11 11.90
C HIS A 245 -28.09 13.58 11.56
N PRO A 246 -27.99 12.37 10.97
CA PRO A 246 -29.06 11.42 10.70
C PRO A 246 -29.12 10.36 11.79
N PRO A 247 -30.19 9.56 11.84
CA PRO A 247 -30.15 8.47 12.81
C PRO A 247 -29.35 7.28 12.28
N LEU A 248 -28.39 6.79 13.07
CA LEU A 248 -27.58 5.65 12.65
C LEU A 248 -28.26 4.35 13.03
N THR A 249 -27.96 3.29 12.28
CA THR A 249 -28.53 1.97 12.53
C THR A 249 -27.47 0.90 12.34
N ALA A 250 -27.76 -0.32 12.79
CA ALA A 250 -26.89 -1.44 12.47
C ALA A 250 -26.87 -1.65 10.96
N HIS A 251 -28.03 -1.42 10.35
CA HIS A 251 -28.23 -1.68 8.94
C HIS A 251 -27.26 -0.92 8.05
N ILE A 252 -26.96 0.33 8.40
CA ILE A 252 -26.15 1.19 7.53
C ILE A 252 -24.71 0.68 7.43
N ALA A 253 -24.24 0.00 8.47
CA ALA A 253 -22.92 -0.62 8.44
C ALA A 253 -22.81 -1.66 7.30
N ASN A 254 -23.94 -2.26 6.94
CA ASN A 254 -23.98 -3.29 5.90
C ASN A 254 -24.11 -2.70 4.50
N ASP A 255 -24.04 -1.37 4.41
CA ASP A 255 -24.13 -0.68 3.14
C ASP A 255 -22.75 -0.28 2.66
N ARG A 256 -22.42 -0.62 1.42
CA ARG A 256 -21.08 -0.40 0.87
C ARG A 256 -20.72 1.08 0.82
N ALA A 257 -21.70 1.93 0.49
CA ALA A 257 -21.42 3.36 0.38
C ALA A 257 -20.96 3.93 1.72
N TRP A 258 -21.54 3.43 2.80
CA TRP A 258 -21.14 3.82 4.15
C TRP A 258 -19.68 3.42 4.40
N ARG A 259 -19.36 2.16 4.16
CA ARG A 259 -17.99 1.67 4.37
C ARG A 259 -16.97 2.38 3.48
N ALA A 260 -17.36 2.77 2.28
CA ALA A 260 -16.44 3.38 1.32
C ALA A 260 -16.11 4.83 1.71
N ALA A 261 -17.04 5.48 2.40
CA ALA A 261 -16.90 6.89 2.74
C ALA A 261 -15.94 7.11 3.89
N GLU A 262 -15.70 8.37 4.24
CA GLU A 262 -14.96 8.65 5.46
C GLU A 262 -15.87 9.37 6.46
N VAL A 263 -16.31 8.61 7.45
CA VAL A 263 -17.12 9.15 8.55
C VAL A 263 -16.44 8.76 9.84
N PRO A 264 -15.36 9.46 10.19
CA PRO A 264 -14.45 9.05 11.27
C PRO A 264 -15.03 9.09 12.68
N GLY A 265 -16.29 9.55 12.83
CA GLY A 265 -16.94 9.41 14.10
C GLY A 265 -17.56 8.02 14.29
N ALA A 266 -17.70 7.25 13.21
CA ALA A 266 -18.55 6.06 13.29
C ALA A 266 -18.31 4.94 12.26
N ASN A 267 -17.47 5.13 11.26
CA ASN A 267 -17.46 4.11 10.21
C ASN A 267 -16.13 3.37 10.03
N GLY A 268 -15.31 3.34 11.06
CA GLY A 268 -14.07 2.60 10.98
C GLY A 268 -14.35 1.14 10.75
N GLN A 269 -13.66 0.55 9.78
CA GLN A 269 -13.73 -0.89 9.54
C GLN A 269 -12.47 -1.52 10.09
N GLY A 270 -12.61 -2.41 11.07
CA GLY A 270 -11.44 -2.95 11.72
C GLY A 270 -11.73 -4.23 12.48
N ASN A 271 -10.74 -4.68 13.23
CA ASN A 271 -10.90 -5.83 14.11
C ASN A 271 -10.08 -5.61 15.37
N GLY A 272 -10.16 -6.57 16.30
CA GLY A 272 -9.48 -6.47 17.58
C GLY A 272 -7.97 -6.31 17.48
N ARG A 273 -7.37 -6.95 16.47
CA ARG A 273 -5.92 -6.87 16.29
C ARG A 273 -5.46 -5.46 15.90
N GLY A 274 -6.15 -4.83 14.96
CA GLY A 274 -5.79 -3.47 14.53
C GLY A 274 -5.89 -2.47 15.68
N ILE A 275 -7.01 -2.55 16.39
CA ILE A 275 -7.28 -1.69 17.53
C ILE A 275 -6.21 -1.87 18.61
N ALA A 276 -5.92 -3.12 18.92
CA ALA A 276 -4.95 -3.44 19.96
C ALA A 276 -3.55 -3.00 19.57
N LYS A 277 -3.25 -3.01 18.27
CA LYS A 277 -1.94 -2.54 17.83
C LYS A 277 -1.80 -1.04 18.05
N VAL A 278 -2.82 -0.28 17.67
CA VAL A 278 -2.74 1.18 17.87
C VAL A 278 -2.65 1.51 19.37
N TYR A 279 -3.57 0.97 20.16
CA TYR A 279 -3.53 1.28 21.59
C TYR A 279 -2.31 0.66 22.26
N GLY A 280 -1.78 -0.41 21.68
CA GLY A 280 -0.56 -1.04 22.15
C GLY A 280 0.62 -0.10 21.99
N ALA A 281 0.71 0.54 20.83
CA ALA A 281 1.73 1.59 20.64
C ALA A 281 1.55 2.71 21.65
N LEU A 282 0.31 3.16 21.84
CA LEU A 282 0.05 4.26 22.77
C LEU A 282 0.35 3.92 24.23
N ALA A 283 0.11 2.68 24.62
CA ALA A 283 0.35 2.25 25.98
C ALA A 283 1.83 2.04 26.25
N ASN A 284 2.60 1.87 25.18
CA ASN A 284 4.03 1.59 25.32
C ASN A 284 4.89 2.81 25.05
N GLY A 285 4.35 3.99 25.33
CA GLY A 285 5.11 5.22 25.13
C GLY A 285 5.24 5.64 23.69
N GLY A 286 4.42 5.08 22.82
CA GLY A 286 4.39 5.54 21.44
C GLY A 286 5.04 4.58 20.46
N THR A 287 5.42 3.41 20.95
CA THR A 287 6.14 2.43 20.14
C THR A 287 5.50 1.04 20.17
N LEU A 288 5.45 0.42 18.99
CA LEU A 288 4.97 -0.95 18.84
C LEU A 288 5.94 -1.71 17.95
N GLY A 289 6.48 -2.82 18.46
CA GLY A 289 7.42 -3.64 17.71
C GLY A 289 8.60 -2.86 17.17
N GLY A 290 9.11 -1.92 17.94
CA GLY A 290 10.29 -1.17 17.56
C GLY A 290 10.06 0.02 16.63
N THR A 291 8.83 0.27 16.23
CA THR A 291 8.55 1.43 15.39
C THR A 291 7.74 2.50 16.16
N ARG A 292 8.21 3.74 16.11
CA ARG A 292 7.59 4.84 16.86
C ARG A 292 6.65 5.69 16.01
N ILE A 293 5.44 5.92 16.50
CA ILE A 293 4.51 6.80 15.79
C ILE A 293 4.34 8.13 16.52
N ILE A 294 4.72 8.15 17.79
CA ILE A 294 4.57 9.36 18.59
C ILE A 294 5.47 9.33 19.84
N SER A 295 5.84 10.52 20.33
CA SER A 295 6.58 10.63 21.58
C SER A 295 5.65 10.47 22.80
N ALA A 296 6.22 10.09 23.94
CA ALA A 296 5.45 9.96 25.19
C ALA A 296 4.83 11.29 25.65
N LYS A 297 5.55 12.38 25.42
CA LYS A 297 5.03 13.72 25.67
C LYS A 297 3.74 13.94 24.89
N GLY A 298 3.73 13.50 23.64
CA GLY A 298 2.56 13.65 22.78
C GLY A 298 1.34 12.94 23.32
N ILE A 299 1.56 11.75 23.84
CA ILE A 299 0.51 10.96 24.46
C ILE A 299 -0.01 11.63 25.71
N ALA A 300 0.91 12.11 26.56
CA ALA A 300 0.50 12.86 27.74
C ALA A 300 -0.37 14.07 27.38
N GLU A 301 0.02 14.78 26.32
CA GLU A 301 -0.71 15.99 25.93
C GLU A 301 -2.10 15.68 25.36
N MSE A 302 -2.23 14.62 24.56
CA MSE A 302 -3.55 14.30 24.00
C MSE A 302 -4.50 13.66 25.03
O MSE A 302 -5.71 13.60 24.80
CB MSE A 302 -3.43 13.41 22.75
CG MSE A 302 -3.59 11.89 22.95
SE MSE A 302 -2.80 10.88 21.43
CE MSE A 302 -1.33 12.07 21.26
N THR A 303 -3.97 13.22 26.17
CA THR A 303 -4.82 12.62 27.18
C THR A 303 -5.05 13.47 28.44
N ARG A 304 -4.64 14.74 28.40
CA ARG A 304 -4.97 15.66 29.48
C ARG A 304 -6.47 15.76 29.66
N GLU A 305 -6.93 15.65 30.90
CA GLU A 305 -8.36 15.81 31.15
C GLU A 305 -8.79 17.24 30.83
N GLU A 306 -9.82 17.36 30.01
CA GLU A 306 -10.32 18.66 29.60
C GLU A 306 -11.56 19.00 30.39
N CYS A 307 -12.41 18.01 30.64
CA CYS A 307 -13.57 18.27 31.48
C CYS A 307 -14.13 16.99 32.07
N PHE A 308 -14.93 17.12 33.13
CA PHE A 308 -15.56 15.97 33.77
C PHE A 308 -16.95 16.39 34.24
N ARG A 309 -17.94 16.23 33.36
CA ARG A 309 -19.27 16.80 33.60
C ARG A 309 -20.36 15.92 33.04
N LYS A 310 -21.58 16.10 33.53
CA LYS A 310 -22.72 15.41 32.94
C LYS A 310 -22.83 15.85 31.49
N ASP A 311 -22.87 14.87 30.58
CA ASP A 311 -22.83 15.18 29.16
C ASP A 311 -24.21 15.51 28.61
N GLU A 312 -24.29 16.61 27.87
CA GLU A 312 -25.56 17.09 27.31
C GLU A 312 -26.22 16.10 26.34
N VAL A 313 -25.43 15.17 25.81
CA VAL A 313 -25.95 14.22 24.83
C VAL A 313 -26.05 12.81 25.40
N ILE A 314 -24.99 12.37 26.07
CA ILE A 314 -24.93 11.00 26.60
C ILE A 314 -25.75 10.86 27.88
N GLY A 315 -25.79 11.92 28.68
CA GLY A 315 -26.65 11.95 29.84
C GLY A 315 -26.01 11.50 31.14
N VAL A 316 -24.72 11.16 31.09
CA VAL A 316 -23.99 10.85 32.31
C VAL A 316 -22.73 11.68 32.40
N ARG A 317 -22.06 11.62 33.55
CA ARG A 317 -20.82 12.35 33.70
C ARG A 317 -19.73 11.70 32.83
N MSE A 318 -19.23 12.44 31.85
CA MSE A 318 -18.14 11.96 31.02
C MSE A 318 -16.88 12.70 31.40
O MSE A 318 -16.91 13.91 31.70
CB MSE A 318 -18.44 12.17 29.53
CG MSE A 318 -19.67 11.42 29.05
SE MSE A 318 -19.34 9.48 29.13
CE MSE A 318 -17.99 9.37 27.71
N ARG A 319 -15.79 11.95 31.44
CA ARG A 319 -14.46 12.47 31.70
C ARG A 319 -13.68 12.53 30.39
N TRP A 320 -13.70 13.70 29.76
CA TRP A 320 -13.13 13.89 28.43
C TRP A 320 -11.71 14.46 28.46
N SER A 321 -10.85 13.85 27.64
CA SER A 321 -9.57 14.41 27.29
C SER A 321 -9.66 14.98 25.88
N ARG A 322 -8.52 15.18 25.23
CA ARG A 322 -8.53 15.69 23.87
C ARG A 322 -8.88 14.59 22.86
N GLY A 323 -10.08 14.06 22.99
CA GLY A 323 -10.58 13.08 22.04
C GLY A 323 -10.85 11.71 22.63
N PHE A 324 -10.20 11.40 23.74
CA PHE A 324 -10.36 10.07 24.35
C PHE A 324 -11.22 10.11 25.59
N ILE A 325 -11.97 9.04 25.81
CA ILE A 325 -12.63 8.81 27.08
C ILE A 325 -11.58 8.44 28.13
N LEU A 326 -11.58 9.15 29.24
CA LEU A 326 -10.71 8.80 30.35
C LEU A 326 -11.47 7.88 31.29
N ASN A 327 -10.73 6.99 31.96
CA ASN A 327 -11.32 5.95 32.77
C ASN A 327 -12.20 6.49 33.90
N LYS A 328 -13.30 5.78 34.13
CA LYS A 328 -14.23 6.09 35.19
C LYS A 328 -14.93 4.80 35.60
N ALA A 329 -15.01 4.55 36.90
CA ALA A 329 -15.69 3.38 37.42
C ALA A 329 -15.15 2.09 36.79
N GLU A 330 -13.82 2.08 36.54
CA GLU A 330 -13.13 0.92 35.99
C GLU A 330 -13.66 0.41 34.65
N LEU A 331 -14.25 1.31 33.88
CA LEU A 331 -14.67 1.04 32.50
C LEU A 331 -13.53 0.41 31.71
N TYR A 332 -12.32 0.94 31.90
CA TYR A 332 -11.15 0.47 31.18
C TYR A 332 -10.12 -0.15 32.11
N GLY A 333 -10.59 -0.91 33.11
CA GLY A 333 -9.71 -1.61 34.03
C GLY A 333 -9.36 -0.81 35.29
N PRO A 334 -8.40 -1.32 36.07
CA PRO A 334 -7.98 -0.79 37.38
C PRO A 334 -7.07 0.45 37.38
N ASN A 335 -6.44 0.78 36.26
CA ASN A 335 -5.65 2.02 36.18
C ASN A 335 -6.61 3.20 35.97
N PRO A 336 -6.68 4.11 36.96
CA PRO A 336 -7.62 5.23 36.90
C PRO A 336 -7.35 6.20 35.75
N ASP A 337 -6.14 6.18 35.19
CA ASP A 337 -5.79 7.07 34.09
C ASP A 337 -5.71 6.37 32.72
N ALA A 338 -6.31 5.19 32.63
CA ALA A 338 -6.46 4.51 31.35
C ALA A 338 -7.32 5.34 30.39
N PHE A 339 -7.04 5.25 29.10
CA PHE A 339 -7.84 6.05 28.15
C PHE A 339 -8.18 5.22 26.92
N GLY A 340 -9.28 5.53 26.28
CA GLY A 340 -9.64 4.83 25.07
C GLY A 340 -10.94 5.34 24.50
N HIS A 341 -11.61 4.47 23.74
CA HIS A 341 -12.93 4.80 23.24
C HIS A 341 -13.70 3.54 22.93
N SER A 342 -15.01 3.61 23.16
CA SER A 342 -15.88 2.48 22.94
C SER A 342 -16.86 2.79 21.81
N GLY A 343 -17.49 1.75 21.29
CA GLY A 343 -18.43 1.93 20.20
C GLY A 343 -19.78 1.32 20.48
N TRP A 344 -20.79 1.89 19.86
CA TRP A 344 -22.15 1.38 19.94
C TRP A 344 -22.19 -0.11 19.62
N GLY A 345 -22.72 -0.91 20.55
CA GLY A 345 -22.88 -2.34 20.31
C GLY A 345 -21.93 -3.21 21.10
N GLY A 346 -20.75 -2.68 21.43
CA GLY A 346 -19.82 -3.37 22.30
C GLY A 346 -18.34 -3.30 21.96
N SER A 347 -17.97 -2.85 20.76
CA SER A 347 -16.55 -2.77 20.43
C SER A 347 -15.86 -1.72 21.30
N PHE A 348 -14.56 -1.87 21.50
CA PHE A 348 -13.82 -0.85 22.24
C PHE A 348 -12.32 -1.04 22.08
N GLY A 349 -11.58 -0.02 22.46
CA GLY A 349 -10.15 -0.13 22.56
C GLY A 349 -9.67 0.76 23.68
N PHE A 350 -8.61 0.36 24.37
CA PHE A 350 -8.00 1.28 25.33
C PHE A 350 -6.53 0.99 25.62
N ALA A 351 -5.89 2.00 26.20
CA ALA A 351 -4.49 1.96 26.58
C ALA A 351 -4.31 2.25 28.06
N ASP A 352 -3.35 1.52 28.65
CA ASP A 352 -2.95 1.62 30.05
C ASP A 352 -1.43 1.79 30.07
N THR A 353 -0.95 3.01 30.27
CA THR A 353 0.49 3.26 30.18
C THR A 353 1.27 2.68 31.38
N LYS A 354 0.60 2.45 32.50
CA LYS A 354 1.26 1.86 33.66
C LYS A 354 1.66 0.41 33.39
N ALA A 355 0.69 -0.40 32.96
CA ALA A 355 0.96 -1.80 32.63
C ALA A 355 1.52 -1.94 31.22
N ARG A 356 1.63 -0.82 30.50
CA ARG A 356 2.04 -0.82 29.09
C ARG A 356 1.16 -1.78 28.28
N LEU A 357 -0.15 -1.71 28.54
CA LEU A 357 -1.11 -2.65 27.97
C LEU A 357 -2.06 -1.93 27.01
N GLY A 358 -2.25 -2.49 25.83
CA GLY A 358 -3.25 -1.99 24.91
C GLY A 358 -4.22 -3.11 24.60
N MSE A 359 -5.49 -2.78 24.43
CA MSE A 359 -6.48 -3.83 24.22
C MSE A 359 -7.49 -3.44 23.17
O MSE A 359 -7.93 -2.27 23.13
CB MSE A 359 -7.19 -4.18 25.53
CG MSE A 359 -8.19 -5.33 25.39
SE MSE A 359 -9.16 -5.79 27.04
CE MSE A 359 -7.64 -5.92 28.26
N GLY A 360 -7.89 -4.40 22.33
CA GLY A 360 -8.87 -4.15 21.29
C GLY A 360 -9.91 -5.24 21.16
N TYR A 361 -11.16 -4.85 20.90
CA TYR A 361 -12.22 -5.84 20.79
C TYR A 361 -13.30 -5.38 19.80
N ALA A 362 -13.61 -6.24 18.83
CA ALA A 362 -14.59 -5.89 17.80
C ALA A 362 -15.42 -7.11 17.41
N MSE A 363 -16.73 -6.93 17.31
CA MSE A 363 -17.65 -8.05 17.10
C MSE A 363 -18.85 -7.61 16.27
O MSE A 363 -19.11 -6.42 16.12
CB MSE A 363 -18.09 -8.62 18.43
CG MSE A 363 -19.23 -7.86 19.11
SE MSE A 363 -18.91 -5.94 19.51
CE MSE A 363 -17.16 -6.08 20.23
N ASN A 364 -19.61 -8.58 15.73
CA ASN A 364 -20.72 -8.22 14.86
C ASN A 364 -22.11 -8.35 15.52
N GLN A 365 -22.19 -8.92 16.70
CA GLN A 365 -23.46 -8.96 17.44
C GLN A 365 -23.54 -7.83 18.46
N MSE A 366 -24.39 -6.86 18.18
CA MSE A 366 -24.51 -5.68 19.03
C MSE A 366 -25.33 -5.97 20.28
O MSE A 366 -26.20 -6.83 20.27
CB MSE A 366 -25.16 -4.54 18.26
CG MSE A 366 -24.36 -4.07 17.05
SE MSE A 366 -25.33 -2.65 16.15
CE MSE A 366 -25.17 -1.25 17.49
N ASP A 367 -24.99 -5.26 21.35
CA ASP A 367 -25.77 -5.30 22.59
C ASP A 367 -26.14 -3.86 22.94
N THR A 368 -27.12 -3.67 23.82
CA THR A 368 -27.62 -2.33 24.13
C THR A 368 -26.73 -1.55 25.09
N ASN A 369 -25.75 -0.85 24.52
CA ASN A 369 -24.77 -0.05 25.27
C ASN A 369 -23.84 0.69 24.29
N ILE A 370 -23.26 1.79 24.75
CA ILE A 370 -22.27 2.52 23.95
C ILE A 370 -20.90 2.49 24.64
N PHE A 371 -20.88 1.94 25.85
CA PHE A 371 -19.65 1.55 26.54
C PHE A 371 -19.95 0.61 27.72
N GLY A 372 -18.98 -0.22 28.09
CA GLY A 372 -19.10 -1.10 29.24
C GLY A 372 -19.88 -2.39 29.07
N ASP A 373 -19.78 -3.00 27.88
CA ASP A 373 -20.38 -4.31 27.63
C ASP A 373 -19.78 -5.41 28.54
N PRO A 374 -20.62 -6.31 29.08
CA PRO A 374 -20.25 -7.47 29.90
C PRO A 374 -19.12 -8.34 29.29
N ARG A 375 -19.20 -8.59 27.99
CA ARG A 375 -18.16 -9.32 27.28
C ARG A 375 -16.79 -8.68 27.50
N GLY A 376 -16.77 -7.35 27.36
CA GLY A 376 -15.59 -6.56 27.59
C GLY A 376 -15.13 -6.57 29.03
N VAL A 377 -16.08 -6.48 29.96
CA VAL A 377 -15.76 -6.54 31.38
C VAL A 377 -15.03 -7.83 31.72
N ARG A 378 -15.54 -8.93 31.18
CA ARG A 378 -14.95 -10.26 31.39
C ARG A 378 -13.53 -10.33 30.85
N LEU A 379 -13.36 -9.85 29.61
CA LEU A 379 -12.05 -9.87 28.98
C LEU A 379 -11.02 -9.04 29.74
N ILE A 380 -11.46 -7.85 30.19
CA ILE A 380 -10.61 -6.95 30.95
C ILE A 380 -10.19 -7.55 32.29
N GLU A 381 -11.15 -8.14 32.99
CA GLU A 381 -10.81 -8.76 34.27
C GLU A 381 -9.81 -9.89 34.08
N ALA A 382 -10.06 -10.74 33.07
CA ALA A 382 -9.15 -11.85 32.78
C ALA A 382 -7.75 -11.33 32.48
N ALA A 383 -7.68 -10.29 31.63
CA ALA A 383 -6.41 -9.74 31.23
C ALA A 383 -5.61 -9.21 32.42
N TYR A 384 -6.27 -8.54 33.36
CA TYR A 384 -5.52 -8.01 34.49
C TYR A 384 -5.24 -9.05 35.57
N ARG A 385 -5.87 -10.21 35.49
CA ARG A 385 -5.45 -11.31 36.36
C ARG A 385 -4.08 -11.89 35.97
N CYS A 386 -3.67 -11.68 34.74
CA CYS A 386 -2.44 -12.28 34.23
C CYS A 386 -1.19 -11.42 34.46
N LEU A 387 -1.34 -10.33 35.19
CA LEU A 387 -0.23 -9.41 35.45
C LEU A 387 0.31 -9.55 36.87
N ILE B 5 34.99 -9.16 -0.08
CA ILE B 5 34.08 -10.25 -0.37
C ILE B 5 34.67 -11.18 -1.43
N GLU B 6 34.24 -12.44 -1.41
CA GLU B 6 34.73 -13.42 -2.38
C GLU B 6 33.80 -13.55 -3.59
N ILE B 7 34.35 -13.31 -4.78
CA ILE B 7 33.58 -13.43 -6.01
C ILE B 7 33.42 -14.89 -6.42
N GLN B 8 32.18 -15.31 -6.65
CA GLN B 8 31.86 -16.66 -7.08
C GLN B 8 31.49 -16.70 -8.56
N GLY B 9 31.68 -17.86 -9.18
CA GLY B 9 31.18 -18.07 -10.52
C GLY B 9 32.27 -18.37 -11.52
N ILE B 10 31.96 -18.17 -12.79
CA ILE B 10 32.92 -18.47 -13.84
C ILE B 10 33.16 -17.28 -14.73
N CYS B 11 34.39 -17.18 -15.23
CA CYS B 11 34.75 -16.06 -16.07
C CYS B 11 35.80 -16.49 -17.10
N ALA B 12 35.46 -16.37 -18.39
CA ALA B 12 36.42 -16.65 -19.46
C ALA B 12 37.64 -15.72 -19.36
N PRO B 13 38.85 -16.25 -19.64
CA PRO B 13 40.13 -15.54 -19.56
C PRO B 13 40.07 -14.15 -20.20
N GLU B 14 39.57 -14.11 -21.42
CA GLU B 14 39.52 -12.88 -22.19
C GLU B 14 38.62 -11.81 -21.55
N PHE B 15 37.84 -12.19 -20.55
CA PHE B 15 36.99 -11.22 -19.87
C PHE B 15 37.35 -11.03 -18.40
N THR B 16 38.56 -11.40 -18.01
CA THR B 16 38.94 -11.27 -16.59
C THR B 16 38.79 -9.83 -16.04
N LYS B 17 39.04 -8.83 -16.86
CA LYS B 17 38.83 -7.44 -16.45
C LYS B 17 37.42 -7.22 -15.91
N VAL B 18 36.43 -7.80 -16.59
CA VAL B 18 35.05 -7.67 -16.20
C VAL B 18 34.91 -8.18 -14.77
N ARG B 19 35.50 -9.34 -14.49
CA ARG B 19 35.47 -9.89 -13.13
C ARG B 19 36.08 -8.89 -12.15
N ASP B 20 37.23 -8.32 -12.53
CA ASP B 20 37.87 -7.31 -11.69
C ASP B 20 36.90 -6.16 -11.41
N ALA B 21 36.23 -5.69 -12.46
CA ALA B 21 35.30 -4.58 -12.28
C ALA B 21 34.23 -4.99 -11.30
N PHE B 22 33.72 -6.20 -11.47
CA PHE B 22 32.66 -6.71 -10.60
C PHE B 22 33.16 -6.64 -9.16
N ALA B 23 34.37 -7.14 -8.94
CA ALA B 23 34.92 -7.21 -7.59
C ALA B 23 35.09 -5.80 -7.05
N ALA B 24 35.50 -4.90 -7.93
CA ALA B 24 35.79 -3.54 -7.51
C ALA B 24 34.52 -2.91 -6.93
N ASN B 25 33.35 -3.24 -7.50
CA ASN B 25 32.13 -2.58 -7.03
C ASN B 25 31.83 -2.95 -5.59
N PHE B 26 32.33 -4.11 -5.16
CA PHE B 26 32.17 -4.53 -3.78
C PHE B 26 33.15 -3.81 -2.85
N LYS B 27 34.38 -3.63 -3.31
CA LYS B 27 35.44 -3.08 -2.46
C LYS B 27 35.15 -1.64 -2.06
N ASP B 28 34.44 -0.92 -2.92
CA ASP B 28 34.13 0.48 -2.69
C ASP B 28 32.90 0.68 -1.79
N GLY B 29 32.41 -0.41 -1.22
CA GLY B 29 31.25 -0.34 -0.34
C GLY B 29 29.94 -0.06 -1.06
N LYS B 30 30.00 -0.13 -2.38
CA LYS B 30 28.85 0.17 -3.23
C LYS B 30 27.86 -0.99 -3.36
N GLU B 31 28.16 -2.12 -2.72
CA GLU B 31 27.29 -3.29 -2.84
C GLU B 31 27.05 -4.06 -1.54
N VAL B 32 25.90 -4.74 -1.48
CA VAL B 32 25.68 -5.75 -0.47
C VAL B 32 25.72 -7.11 -1.15
N GLY B 33 24.78 -7.36 -2.06
CA GLY B 33 24.80 -8.57 -2.88
C GLY B 33 24.54 -8.26 -4.34
N ALA B 34 25.11 -9.04 -5.24
CA ALA B 34 24.97 -8.78 -6.68
C ALA B 34 25.24 -9.99 -7.55
N SER B 35 24.65 -9.98 -8.75
CA SER B 35 24.90 -11.01 -9.75
C SER B 35 25.05 -10.38 -11.12
N PHE B 36 25.90 -10.99 -11.94
CA PHE B 36 26.23 -10.45 -13.25
C PHE B 36 26.37 -11.55 -14.28
N GLY B 37 25.85 -11.30 -15.47
CA GLY B 37 25.98 -12.24 -16.57
C GLY B 37 26.35 -11.55 -17.87
N LEU B 38 27.10 -12.28 -18.70
CA LEU B 38 27.52 -11.78 -20.00
C LEU B 38 27.50 -12.92 -21.01
N ALA B 39 26.78 -12.69 -22.10
CA ALA B 39 26.65 -13.63 -23.19
C ALA B 39 27.34 -13.11 -24.44
N ILE B 40 28.09 -13.99 -25.09
CA ILE B 40 28.74 -13.66 -26.36
C ILE B 40 28.39 -14.77 -27.36
N GLU B 41 27.86 -14.34 -28.51
CA GLU B 41 27.54 -15.23 -29.62
C GLU B 41 26.72 -16.43 -29.18
N GLY B 42 25.73 -16.19 -28.33
CA GLY B 42 24.79 -17.22 -27.94
C GLY B 42 25.23 -18.09 -26.79
N GLU B 43 26.31 -17.72 -26.09
CA GLU B 43 26.66 -18.47 -24.89
C GLU B 43 27.03 -17.58 -23.72
N ILE B 44 26.63 -17.98 -22.53
CA ILE B 44 27.10 -17.33 -21.31
C ILE B 44 28.60 -17.61 -21.13
N VAL B 45 29.42 -16.57 -21.03
CA VAL B 45 30.86 -16.74 -20.88
C VAL B 45 31.36 -16.09 -19.60
N VAL B 46 30.51 -15.25 -19.01
CA VAL B 46 30.74 -14.73 -17.68
C VAL B 46 29.47 -14.90 -16.83
N ASP B 47 29.63 -15.48 -15.65
CA ASP B 47 28.50 -15.76 -14.76
C ASP B 47 28.98 -15.65 -13.33
N LEU B 48 28.77 -14.49 -12.73
CA LEU B 48 29.36 -14.17 -11.44
C LEU B 48 28.32 -13.74 -10.43
N TRP B 49 28.62 -13.99 -9.16
CA TRP B 49 27.82 -13.43 -8.06
C TRP B 49 28.71 -13.24 -6.84
N GLY B 50 28.19 -12.58 -5.81
CA GLY B 50 28.96 -12.35 -4.60
C GLY B 50 28.20 -11.58 -3.54
N GLY B 51 28.76 -11.52 -2.34
CA GLY B 51 28.16 -10.76 -1.27
C GLY B 51 27.02 -11.47 -0.57
N PHE B 52 26.07 -10.67 -0.04
CA PHE B 52 25.06 -11.22 0.84
C PHE B 52 23.64 -10.96 0.36
N ALA B 53 22.73 -11.84 0.76
CA ALA B 53 21.33 -11.74 0.39
C ALA B 53 20.54 -10.83 1.35
N ASP B 54 21.15 -10.50 2.49
CA ASP B 54 20.45 -9.71 3.52
C ASP B 54 21.26 -8.52 4.02
N ALA B 55 20.56 -7.53 4.58
CA ALA B 55 21.19 -6.34 5.12
C ALA B 55 22.18 -6.68 6.23
N GLY B 56 21.87 -7.71 7.01
CA GLY B 56 22.70 -8.11 8.13
C GLY B 56 23.99 -8.83 7.79
N ARG B 57 24.22 -9.08 6.50
CA ARG B 57 25.42 -9.78 6.03
C ARG B 57 25.67 -11.12 6.69
N SER B 58 24.61 -11.87 6.97
CA SER B 58 24.76 -13.19 7.60
C SER B 58 24.42 -14.33 6.66
N ARG B 59 23.84 -14.00 5.50
CA ARG B 59 23.44 -14.99 4.50
C ARG B 59 23.97 -14.64 3.11
N PRO B 60 24.86 -15.48 2.58
CA PRO B 60 25.54 -15.22 1.30
C PRO B 60 24.58 -15.21 0.10
N TRP B 61 24.88 -14.36 -0.88
CA TRP B 61 24.22 -14.43 -2.17
C TRP B 61 24.60 -15.77 -2.83
N ARG B 62 23.64 -16.53 -3.32
CA ARG B 62 23.94 -17.84 -3.90
C ARG B 62 23.74 -17.84 -5.43
N SER B 63 24.14 -18.91 -6.09
CA SER B 63 24.06 -18.98 -7.54
C SER B 63 22.62 -18.81 -8.00
N ASP B 64 21.66 -19.34 -7.24
CA ASP B 64 20.27 -19.27 -7.64
C ASP B 64 19.47 -18.14 -6.96
N THR B 65 20.15 -17.19 -6.32
CA THR B 65 19.48 -16.10 -5.63
C THR B 65 18.73 -15.20 -6.61
N LEU B 66 17.51 -14.81 -6.24
CA LEU B 66 16.70 -13.91 -7.06
C LEU B 66 16.53 -12.55 -6.36
N ILE B 67 16.26 -11.51 -7.16
CA ILE B 67 15.98 -10.17 -6.64
C ILE B 67 14.98 -9.45 -7.55
N ASN B 68 14.15 -8.56 -6.97
CA ASN B 68 13.25 -7.73 -7.76
C ASN B 68 14.06 -6.88 -8.72
N THR B 69 13.68 -6.83 -9.98
CA THR B 69 14.48 -6.09 -10.96
C THR B 69 13.79 -4.82 -11.45
N TYR B 70 12.61 -4.52 -10.92
CA TYR B 70 11.83 -3.34 -11.31
C TYR B 70 11.67 -3.20 -12.84
N SER B 71 11.96 -2.03 -13.40
CA SER B 71 11.61 -1.79 -14.81
C SER B 71 12.43 -2.59 -15.83
N THR B 72 13.47 -3.29 -15.38
CA THR B 72 14.16 -4.26 -16.23
C THR B 72 13.12 -5.27 -16.78
N THR B 73 12.13 -5.56 -15.96
CA THR B 73 11.01 -6.43 -16.35
C THR B 73 10.32 -5.99 -17.67
N LYS B 74 10.29 -4.68 -17.92
CA LYS B 74 9.59 -4.18 -19.11
C LYS B 74 10.19 -4.78 -20.38
N GLY B 75 11.52 -4.94 -20.40
CA GLY B 75 12.17 -5.55 -21.55
C GLY B 75 11.65 -6.96 -21.78
N MSE B 76 11.54 -7.69 -20.67
CA MSE B 76 11.02 -9.05 -20.73
C MSE B 76 9.61 -9.07 -21.31
O MSE B 76 9.31 -9.87 -22.22
CB MSE B 76 11.04 -9.70 -19.33
CG MSE B 76 12.41 -9.68 -18.65
SE MSE B 76 13.84 -10.50 -19.73
CE MSE B 76 15.39 -10.16 -18.59
N ALA B 77 8.76 -8.15 -20.85
CA ALA B 77 7.39 -8.13 -21.34
C ALA B 77 7.41 -7.82 -22.83
N ALA B 78 8.29 -6.89 -23.20
CA ALA B 78 8.33 -6.44 -24.58
C ALA B 78 8.72 -7.62 -25.48
N THR B 79 9.59 -8.47 -24.93
CA THR B 79 10.09 -9.59 -25.70
C THR B 79 8.93 -10.54 -26.00
N VAL B 80 8.04 -10.71 -25.02
CA VAL B 80 6.89 -11.56 -25.24
C VAL B 80 6.12 -11.07 -26.46
N VAL B 81 5.85 -9.76 -26.50
CA VAL B 81 5.06 -9.19 -27.58
C VAL B 81 5.81 -9.42 -28.89
N GLY B 82 7.13 -9.23 -28.83
CA GLY B 82 7.97 -9.39 -30.01
C GLY B 82 7.82 -10.78 -30.59
N VAL B 83 7.83 -11.78 -29.70
CA VAL B 83 7.77 -13.15 -30.18
C VAL B 83 6.43 -13.34 -30.86
N LEU B 84 5.39 -12.81 -30.24
CA LEU B 84 4.04 -13.01 -30.78
C LEU B 84 3.89 -12.25 -32.09
N ALA B 85 4.60 -11.13 -32.23
CA ALA B 85 4.54 -10.39 -33.48
C ALA B 85 5.24 -11.19 -34.56
N ASP B 86 6.29 -11.90 -34.14
CA ASP B 86 7.12 -12.66 -35.08
C ASP B 86 6.40 -13.90 -35.59
N GLU B 87 5.50 -14.43 -34.78
CA GLU B 87 4.68 -15.58 -35.16
C GLU B 87 3.49 -15.14 -36.02
N GLY B 88 3.32 -13.83 -36.18
CA GLY B 88 2.28 -13.30 -37.04
C GLY B 88 0.96 -13.02 -36.33
N LEU B 89 0.97 -13.08 -35.00
CA LEU B 89 -0.23 -12.89 -34.21
C LEU B 89 -0.51 -11.43 -33.89
N ILE B 90 0.54 -10.61 -33.93
CA ILE B 90 0.41 -9.20 -33.66
C ILE B 90 1.03 -8.37 -34.78
N ASP B 91 0.28 -7.37 -35.24
CA ASP B 91 0.79 -6.38 -36.18
C ASP B 91 1.07 -5.10 -35.40
N TYR B 92 2.33 -4.68 -35.37
CA TYR B 92 2.72 -3.48 -34.65
C TYR B 92 2.02 -2.23 -35.15
N ASN B 93 1.62 -2.24 -36.42
CA ASN B 93 0.96 -1.10 -37.04
C ASN B 93 -0.56 -1.11 -36.88
N ALA B 94 -1.10 -2.21 -36.37
CA ALA B 94 -2.54 -2.36 -36.16
C ALA B 94 -3.01 -1.64 -34.90
N ARG B 95 -4.29 -1.29 -34.86
CA ARG B 95 -4.87 -0.64 -33.67
C ARG B 95 -4.90 -1.61 -32.50
N VAL B 96 -4.53 -1.12 -31.31
CA VAL B 96 -4.72 -1.91 -30.10
C VAL B 96 -6.12 -2.49 -30.04
N ALA B 97 -7.11 -1.69 -30.43
CA ALA B 97 -8.51 -2.09 -30.33
C ALA B 97 -8.88 -3.25 -31.27
N ASP B 98 -8.06 -3.52 -32.28
CA ASP B 98 -8.27 -4.74 -33.07
C ASP B 98 -8.18 -6.01 -32.21
N TYR B 99 -7.32 -5.97 -31.20
CA TYR B 99 -7.08 -7.13 -30.33
C TYR B 99 -7.84 -7.01 -29.02
N TRP B 100 -8.13 -5.77 -28.62
CA TRP B 100 -8.66 -5.46 -27.31
C TRP B 100 -9.74 -4.39 -27.49
N PRO B 101 -10.95 -4.80 -27.89
CA PRO B 101 -11.99 -3.87 -28.33
C PRO B 101 -12.33 -2.79 -27.31
N GLU B 102 -12.41 -3.14 -26.03
CA GLU B 102 -12.73 -2.18 -24.97
C GLU B 102 -11.71 -1.03 -24.89
N PHE B 103 -10.53 -1.24 -25.44
CA PHE B 103 -9.50 -0.21 -25.41
C PHE B 103 -9.87 0.99 -26.30
N ALA B 104 -10.79 0.78 -27.24
CA ALA B 104 -11.20 1.84 -28.16
C ALA B 104 -11.93 2.98 -27.45
N ALA B 105 -12.36 2.72 -26.21
CA ALA B 105 -13.08 3.71 -25.43
C ALA B 105 -12.24 4.96 -25.13
N ALA B 106 -12.93 6.06 -24.87
CA ALA B 106 -12.31 7.29 -24.36
C ALA B 106 -11.10 7.76 -25.18
N GLY B 107 -11.31 7.93 -26.48
CA GLY B 107 -10.33 8.59 -27.32
C GLY B 107 -9.17 7.74 -27.82
N LYS B 108 -9.22 6.42 -27.63
CA LYS B 108 -8.05 5.58 -27.95
C LYS B 108 -8.30 4.62 -29.11
N LYS B 109 -9.32 4.89 -29.91
CA LYS B 109 -9.73 3.95 -30.95
C LYS B 109 -8.72 3.79 -32.09
N ASP B 110 -7.78 4.72 -32.22
CA ASP B 110 -6.79 4.65 -33.30
C ASP B 110 -5.35 4.40 -32.83
N VAL B 111 -5.17 4.27 -31.51
CA VAL B 111 -3.87 3.94 -30.95
C VAL B 111 -3.36 2.60 -31.51
N THR B 112 -2.13 2.62 -32.03
CA THR B 112 -1.51 1.41 -32.59
C THR B 112 -0.73 0.65 -31.51
N VAL B 113 -0.43 -0.62 -31.76
CA VAL B 113 0.32 -1.41 -30.79
C VAL B 113 1.74 -0.80 -30.60
N ALA B 114 2.34 -0.34 -31.69
CA ALA B 114 3.65 0.32 -31.63
C ALA B 114 3.60 1.59 -30.76
N GLN B 115 2.50 2.35 -30.84
CA GLN B 115 2.36 3.54 -30.00
C GLN B 115 2.20 3.16 -28.53
N LEU B 116 1.40 2.14 -28.27
CA LEU B 116 1.25 1.62 -26.93
C LEU B 116 2.59 1.19 -26.32
N LEU B 117 3.41 0.48 -27.10
CA LEU B 117 4.65 -0.07 -26.58
C LEU B 117 5.77 0.95 -26.45
N SER B 118 5.60 2.11 -27.06
CA SER B 118 6.61 3.16 -26.96
C SER B 118 6.15 4.32 -26.08
N HIS B 119 5.19 4.04 -25.20
CA HIS B 119 4.70 4.99 -24.20
C HIS B 119 4.05 6.23 -24.80
N GLN B 120 3.37 6.04 -25.94
CA GLN B 120 2.68 7.13 -26.61
C GLN B 120 1.17 7.07 -26.56
N ALA B 121 0.61 6.16 -25.77
CA ALA B 121 -0.83 6.04 -25.65
C ALA B 121 -1.43 7.09 -24.70
N GLY B 122 -0.60 7.68 -23.86
CA GLY B 122 -1.04 8.75 -22.99
C GLY B 122 -1.77 8.33 -21.73
N ILE B 123 -1.68 7.05 -21.37
CA ILE B 123 -2.29 6.61 -20.12
C ILE B 123 -1.21 6.18 -19.13
N CYS B 124 -0.31 7.11 -18.85
CA CYS B 124 0.93 6.84 -18.15
C CYS B 124 0.75 6.22 -16.77
N GLY B 125 -0.41 6.43 -16.18
CA GLY B 125 -0.77 5.84 -14.91
C GLY B 125 -2.24 6.04 -14.65
N PRO B 126 -2.80 5.34 -13.65
CA PRO B 126 -4.22 5.47 -13.32
C PRO B 126 -4.55 6.88 -12.84
N ARG B 127 -5.69 7.43 -13.26
CA ARG B 127 -6.07 8.79 -12.89
C ARG B 127 -6.47 8.89 -11.42
N GLU B 128 -7.09 7.82 -10.93
CA GLU B 128 -7.54 7.74 -9.55
C GLU B 128 -6.55 6.97 -8.69
N ARG B 129 -6.58 7.24 -7.40
CA ARG B 129 -5.71 6.56 -6.45
C ARG B 129 -5.98 5.05 -6.43
N VAL B 130 -4.93 4.25 -6.53
CA VAL B 130 -5.08 2.80 -6.53
C VAL B 130 -4.33 2.17 -5.36
N GLU B 131 -4.87 1.06 -4.85
CA GLU B 131 -4.16 0.26 -3.86
C GLU B 131 -3.29 -0.78 -4.57
N MSE B 132 -2.32 -1.34 -3.85
CA MSE B 132 -1.46 -2.39 -4.41
C MSE B 132 -2.27 -3.58 -4.88
O MSE B 132 -2.03 -4.18 -5.95
CB MSE B 132 -0.43 -2.83 -3.38
CG MSE B 132 0.62 -1.78 -3.09
SE MSE B 132 1.78 -1.51 -4.65
CE MSE B 132 2.82 0.01 -3.98
N ALA B 133 -3.26 -3.95 -4.06
CA ALA B 133 -4.13 -5.06 -4.38
C ALA B 133 -4.80 -4.83 -5.73
N ASP B 134 -5.10 -3.57 -6.06
CA ASP B 134 -5.69 -3.27 -7.36
C ASP B 134 -4.74 -3.67 -8.47
N LEU B 135 -3.45 -3.46 -8.24
CA LEU B 135 -2.40 -3.86 -9.15
C LEU B 135 -2.43 -5.37 -9.31
N TYR B 136 -2.78 -6.08 -8.24
CA TYR B 136 -2.74 -7.55 -8.34
C TYR B 136 -3.95 -8.15 -9.06
N ASP B 137 -5.02 -7.38 -9.22
CA ASP B 137 -6.21 -7.86 -9.94
C ASP B 137 -6.12 -7.46 -11.41
N TRP B 138 -5.61 -8.38 -12.23
CA TRP B 138 -5.26 -8.10 -13.63
C TRP B 138 -6.41 -7.57 -14.49
N ASP B 139 -7.51 -8.32 -14.55
CA ASP B 139 -8.60 -7.97 -15.45
C ASP B 139 -9.24 -6.64 -15.07
N LYS B 140 -9.32 -6.39 -13.77
CA LYS B 140 -9.91 -5.15 -13.25
C LYS B 140 -9.06 -3.93 -13.60
N LEU B 141 -7.76 -4.03 -13.36
CA LEU B 141 -6.85 -2.95 -13.70
C LEU B 141 -6.85 -2.68 -15.21
N CYS B 142 -6.85 -3.76 -16.00
CA CYS B 142 -6.85 -3.62 -17.45
C CYS B 142 -8.13 -2.93 -17.94
N ALA B 143 -9.27 -3.31 -17.38
CA ALA B 143 -10.54 -2.70 -17.74
C ALA B 143 -10.52 -1.21 -17.41
N MSE B 144 -9.99 -0.86 -16.23
CA MSE B 144 -9.84 0.54 -15.88
C MSE B 144 -8.99 1.32 -16.90
O MSE B 144 -9.36 2.41 -17.34
CB MSE B 144 -9.23 0.68 -14.50
CG MSE B 144 -8.66 2.07 -14.26
SE MSE B 144 -7.86 2.19 -12.52
CE MSE B 144 -9.41 1.77 -11.43
N LEU B 145 -7.83 0.77 -17.25
CA LEU B 145 -6.93 1.41 -18.20
C LEU B 145 -7.56 1.57 -19.59
N ALA B 146 -8.26 0.54 -20.07
CA ALA B 146 -8.90 0.61 -21.38
C ALA B 146 -9.96 1.72 -21.43
N ALA B 147 -10.54 2.01 -20.26
CA ALA B 147 -11.61 3.00 -20.15
C ALA B 147 -11.11 4.43 -19.93
N GLN B 148 -9.80 4.61 -19.74
CA GLN B 148 -9.23 5.89 -19.33
C GLN B 148 -8.96 6.88 -20.47
N TRP B 149 -9.27 8.15 -20.24
CA TRP B 149 -8.99 9.24 -21.19
C TRP B 149 -7.50 9.64 -21.08
N PRO B 150 -6.77 9.66 -22.21
CA PRO B 150 -5.34 9.96 -22.25
C PRO B 150 -4.97 11.36 -21.74
N PHE B 151 -3.78 11.48 -21.16
CA PHE B 151 -3.32 12.76 -20.63
C PHE B 151 -2.90 13.71 -21.73
N PHE B 152 -2.46 13.14 -22.85
CA PHE B 152 -2.11 13.90 -24.04
C PHE B 152 -2.63 13.13 -25.24
N GLU B 153 -2.66 13.78 -26.39
CA GLU B 153 -3.14 13.12 -27.59
C GLU B 153 -2.20 11.97 -27.95
N PRO B 154 -2.75 10.76 -28.10
CA PRO B 154 -1.89 9.59 -28.37
C PRO B 154 -1.06 9.77 -29.64
N GLY B 155 0.21 9.39 -29.61
CA GLY B 155 1.08 9.52 -30.77
C GLY B 155 1.79 10.87 -30.91
N THR B 156 1.48 11.82 -30.05
CA THR B 156 2.04 13.18 -30.15
C THR B 156 3.07 13.48 -29.06
N ALA B 157 3.22 12.53 -28.13
CA ALA B 157 4.15 12.67 -27.03
C ALA B 157 4.42 11.28 -26.44
N ASN B 158 5.49 11.16 -25.66
CA ASN B 158 5.74 9.94 -24.89
C ASN B 158 5.84 10.26 -23.42
N GLY B 159 5.21 9.41 -22.63
CA GLY B 159 5.20 9.56 -21.19
C GLY B 159 5.36 8.17 -20.60
N TYR B 160 6.50 7.93 -19.97
CA TYR B 160 6.83 6.63 -19.38
C TYR B 160 5.68 6.02 -18.57
N HIS B 161 5.16 4.90 -19.03
CA HIS B 161 4.07 4.20 -18.33
C HIS B 161 4.69 3.36 -17.22
N ALA B 162 5.13 4.06 -16.17
CA ALA B 162 6.07 3.53 -15.20
C ALA B 162 5.67 2.19 -14.56
N VAL B 163 4.38 2.01 -14.30
CA VAL B 163 3.94 0.79 -13.65
C VAL B 163 3.03 -0.05 -14.53
N VAL B 164 2.12 0.62 -15.23
CA VAL B 164 1.06 -0.10 -15.94
C VAL B 164 1.44 -0.62 -17.34
N PHE B 165 2.66 -0.32 -17.79
CA PHE B 165 3.14 -0.78 -19.10
C PHE B 165 2.95 -2.28 -19.28
N GLY B 166 3.34 -3.03 -18.25
CA GLY B 166 3.28 -4.48 -18.28
C GLY B 166 1.86 -4.98 -18.46
N HIS B 167 0.90 -4.27 -17.87
CA HIS B 167 -0.51 -4.64 -17.98
C HIS B 167 -1.10 -4.44 -19.36
N ILE B 168 -0.83 -3.29 -19.98
CA ILE B 168 -1.42 -3.00 -21.29
C ILE B 168 -0.76 -3.83 -22.41
N ALA B 169 0.58 -3.86 -22.39
CA ALA B 169 1.34 -4.70 -23.31
C ALA B 169 0.99 -6.17 -23.13
N GLY B 170 0.97 -6.57 -21.86
CA GLY B 170 0.69 -7.93 -21.48
C GLY B 170 -0.70 -8.34 -21.93
N GLU B 171 -1.65 -7.41 -21.84
CA GLU B 171 -3.03 -7.74 -22.17
C GLU B 171 -3.18 -7.93 -23.67
N VAL B 172 -2.46 -7.14 -24.47
CA VAL B 172 -2.48 -7.44 -25.91
C VAL B 172 -1.94 -8.88 -26.17
N ALA B 173 -0.82 -9.21 -25.51
CA ALA B 173 -0.27 -10.56 -25.61
C ALA B 173 -1.29 -11.64 -25.21
N ARG B 174 -2.08 -11.39 -24.17
CA ARG B 174 -3.06 -12.37 -23.72
C ARG B 174 -4.22 -12.51 -24.70
N ARG B 175 -4.63 -11.40 -25.32
CA ARG B 175 -5.75 -11.43 -26.23
C ARG B 175 -5.41 -12.26 -27.46
N VAL B 176 -4.17 -12.18 -27.95
CA VAL B 176 -3.87 -13.00 -29.12
C VAL B 176 -3.52 -14.46 -28.81
N THR B 177 -3.41 -14.81 -27.53
CA THR B 177 -3.23 -16.20 -27.16
C THR B 177 -4.46 -16.72 -26.40
N GLY B 178 -5.60 -16.05 -26.61
CA GLY B 178 -6.88 -16.48 -26.11
C GLY B 178 -7.16 -16.33 -24.62
N ARG B 179 -6.42 -15.46 -23.96
CA ARG B 179 -6.56 -15.24 -22.50
C ARG B 179 -6.57 -16.54 -21.67
N THR B 180 -5.91 -17.57 -22.20
CA THR B 180 -5.76 -18.84 -21.52
C THR B 180 -4.55 -18.88 -20.58
N LYS B 181 -3.59 -17.99 -20.82
CA LYS B 181 -2.37 -17.96 -20.02
C LYS B 181 -2.08 -16.55 -19.53
N SER B 182 -1.45 -16.44 -18.37
CA SER B 182 -1.02 -15.14 -17.87
C SER B 182 0.20 -14.71 -18.67
N LEU B 183 0.56 -13.44 -18.55
CA LEU B 183 1.74 -12.95 -19.25
C LEU B 183 2.98 -13.64 -18.71
N GLY B 184 3.01 -13.88 -17.40
CA GLY B 184 4.11 -14.61 -16.78
C GLY B 184 4.34 -15.99 -17.39
N GLN B 185 3.25 -16.70 -17.69
CA GLN B 185 3.33 -18.04 -18.29
C GLN B 185 3.75 -17.99 -19.74
N LEU B 186 3.27 -16.98 -20.47
CA LEU B 186 3.67 -16.78 -21.85
C LEU B 186 5.16 -16.49 -21.88
N PHE B 187 5.64 -15.69 -20.93
CA PHE B 187 7.07 -15.42 -20.85
C PHE B 187 7.87 -16.68 -20.55
N ALA B 188 7.41 -17.45 -19.56
CA ALA B 188 8.06 -18.71 -19.23
C ALA B 188 8.16 -19.63 -20.44
N GLU B 189 7.04 -19.80 -21.15
CA GLU B 189 6.94 -20.79 -22.22
C GLU B 189 7.58 -20.35 -23.55
N LYS B 190 7.51 -19.07 -23.88
CA LYS B 190 7.96 -18.62 -25.19
C LYS B 190 9.32 -17.94 -25.13
N VAL B 191 9.72 -17.46 -23.96
CA VAL B 191 11.00 -16.77 -23.90
C VAL B 191 12.03 -17.46 -23.02
N ALA B 192 11.72 -17.66 -21.75
CA ALA B 192 12.73 -18.08 -20.79
C ALA B 192 13.05 -19.58 -20.84
N SER B 193 12.02 -20.43 -20.77
CA SER B 193 12.28 -21.86 -20.67
C SER B 193 13.03 -22.44 -21.88
N PRO B 194 12.67 -22.06 -23.14
CA PRO B 194 13.40 -22.68 -24.25
C PRO B 194 14.92 -22.46 -24.22
N ILE B 195 15.39 -21.31 -23.74
CA ILE B 195 16.82 -21.08 -23.75
C ILE B 195 17.44 -21.38 -22.40
N GLY B 196 16.63 -21.97 -21.52
CA GLY B 196 17.11 -22.42 -20.23
C GLY B 196 17.27 -21.31 -19.22
N ALA B 197 16.50 -20.24 -19.37
CA ALA B 197 16.55 -19.12 -18.43
C ALA B 197 15.35 -19.17 -17.49
N GLY B 198 14.56 -20.23 -17.62
CA GLY B 198 13.30 -20.41 -16.91
C GLY B 198 13.40 -20.57 -15.40
N ASN B 199 14.59 -20.87 -14.93
CA ASN B 199 14.85 -20.96 -13.49
C ASN B 199 15.46 -19.67 -12.91
N ASP B 200 15.74 -18.69 -13.76
CA ASP B 200 16.47 -17.50 -13.34
C ASP B 200 15.78 -16.16 -13.66
N TYR B 201 14.56 -16.20 -14.17
CA TYR B 201 13.76 -14.99 -14.33
C TYR B 201 12.29 -15.36 -14.36
N TYR B 202 11.53 -14.76 -13.46
CA TYR B 202 10.11 -15.04 -13.32
C TYR B 202 9.28 -13.76 -13.35
N ILE B 203 8.12 -13.81 -13.98
CA ILE B 203 7.11 -12.77 -13.79
C ILE B 203 5.93 -13.46 -13.13
N GLY B 204 5.78 -13.25 -11.82
CA GLY B 204 4.92 -14.11 -11.01
C GLY B 204 5.79 -15.23 -10.46
N LEU B 205 6.26 -15.06 -9.24
CA LEU B 205 7.20 -16.01 -8.67
C LEU B 205 6.46 -17.16 -7.97
N PRO B 206 6.68 -18.40 -8.42
CA PRO B 206 6.10 -19.59 -7.78
C PRO B 206 6.48 -19.69 -6.30
N ALA B 207 5.55 -20.16 -5.48
CA ALA B 207 5.79 -20.31 -4.04
C ALA B 207 7.05 -21.13 -3.74
N SER B 208 7.25 -22.20 -4.51
CA SER B 208 8.41 -23.08 -4.36
C SER B 208 9.75 -22.37 -4.56
N GLU B 209 9.73 -21.22 -5.24
CA GLU B 209 10.99 -20.53 -5.51
C GLU B 209 11.20 -19.37 -4.55
N ASP B 210 10.22 -19.10 -3.68
CA ASP B 210 10.29 -17.87 -2.91
C ASP B 210 11.47 -17.84 -1.94
N HIS B 211 11.96 -19.00 -1.52
CA HIS B 211 13.09 -19.06 -0.61
C HIS B 211 14.36 -18.50 -1.22
N ARG B 212 14.39 -18.34 -2.54
CA ARG B 212 15.61 -17.90 -3.20
C ARG B 212 15.79 -16.41 -3.21
N VAL B 213 14.74 -15.69 -2.87
CA VAL B 213 14.75 -14.25 -2.99
C VAL B 213 15.59 -13.55 -1.92
N ALA B 214 16.48 -12.68 -2.35
CA ALA B 214 17.24 -11.83 -1.44
C ALA B 214 16.41 -10.63 -0.99
N GLU B 215 16.93 -9.88 -0.04
CA GLU B 215 16.24 -8.72 0.50
C GLU B 215 16.64 -7.45 -0.24
N MSE B 216 15.64 -6.70 -0.71
CA MSE B 216 15.87 -5.40 -1.33
C MSE B 216 16.22 -4.33 -0.28
O MSE B 216 15.58 -4.24 0.76
CB MSE B 216 14.64 -4.95 -2.13
CG MSE B 216 14.88 -3.74 -3.01
SE MSE B 216 16.18 -4.14 -4.44
CE MSE B 216 15.00 -5.24 -5.44
N LEU B 217 17.22 -3.51 -0.59
CA LEU B 217 17.74 -2.51 0.36
C LEU B 217 17.63 -1.09 -0.18
N PRO B 218 16.95 -0.21 0.57
CA PRO B 218 16.80 1.19 0.15
C PRO B 218 18.10 1.99 0.20
N VAL B 219 18.16 3.09 -0.55
CA VAL B 219 19.35 3.91 -0.63
C VAL B 219 19.58 4.70 0.67
N ARG B 234 5.50 22.53 -10.53
CA ARG B 234 4.30 21.71 -10.60
C ARG B 234 4.46 20.52 -11.52
N MSE B 235 4.01 19.36 -11.04
CA MSE B 235 3.92 18.17 -11.87
C MSE B 235 2.63 18.15 -12.70
O MSE B 235 1.56 18.49 -12.19
CB MSE B 235 3.96 16.91 -11.00
CG MSE B 235 5.24 16.71 -10.20
SE MSE B 235 5.14 15.04 -9.20
CE MSE B 235 4.10 15.66 -7.67
N SER B 236 2.74 17.73 -13.96
CA SER B 236 1.55 17.49 -14.78
C SER B 236 0.80 16.25 -14.29
N ASP B 237 -0.48 16.12 -14.66
CA ASP B 237 -1.27 14.95 -14.28
C ASP B 237 -0.58 13.64 -14.66
N ALA B 238 0.03 13.60 -15.85
CA ALA B 238 0.68 12.38 -16.33
C ALA B 238 1.80 11.93 -15.38
N LEU B 239 2.72 12.85 -15.09
CA LEU B 239 3.85 12.56 -14.21
C LEU B 239 3.38 12.22 -12.79
N TYR B 240 2.43 13.00 -12.28
CA TYR B 240 1.90 12.76 -10.95
C TYR B 240 1.24 11.38 -10.83
N CYS B 241 0.43 11.03 -11.80
CA CYS B 241 -0.28 9.75 -11.80
C CYS B 241 0.66 8.57 -11.99
N ALA B 242 1.68 8.75 -12.82
CA ALA B 242 2.68 7.70 -13.01
C ALA B 242 3.45 7.45 -11.72
N MSE B 243 3.79 8.52 -10.99
CA MSE B 243 4.64 8.37 -9.80
C MSE B 243 3.90 8.12 -8.47
O MSE B 243 4.49 7.59 -7.53
CB MSE B 243 5.52 9.62 -9.64
CG MSE B 243 6.50 9.86 -10.78
SE MSE B 243 7.87 8.48 -10.96
CE MSE B 243 7.13 7.47 -12.43
N ALA B 244 2.64 8.49 -8.38
CA ALA B 244 1.91 8.42 -7.12
C ALA B 244 0.79 7.37 -7.09
N HIS B 245 0.46 6.79 -8.25
CA HIS B 245 -0.67 5.86 -8.32
C HIS B 245 -0.26 4.50 -8.86
N PRO B 246 0.31 3.62 -8.02
CA PRO B 246 0.68 3.84 -6.62
C PRO B 246 2.17 4.18 -6.50
N PRO B 247 2.61 4.68 -5.33
CA PRO B 247 4.05 4.94 -5.19
C PRO B 247 4.83 3.66 -4.88
N LEU B 248 5.90 3.43 -5.62
CA LEU B 248 6.72 2.24 -5.40
C LEU B 248 7.82 2.51 -4.37
N THR B 249 8.22 1.47 -3.67
CA THR B 249 9.25 1.53 -2.65
C THR B 249 10.12 0.29 -2.72
N ALA B 250 11.28 0.33 -2.06
CA ALA B 250 12.08 -0.87 -1.89
C ALA B 250 11.31 -1.89 -1.06
N HIS B 251 10.54 -1.39 -0.10
CA HIS B 251 9.83 -2.24 0.84
C HIS B 251 8.91 -3.23 0.15
N ILE B 252 8.23 -2.80 -0.91
CA ILE B 252 7.20 -3.63 -1.54
C ILE B 252 7.81 -4.86 -2.19
N ALA B 253 9.06 -4.75 -2.65
CA ALA B 253 9.78 -5.89 -3.20
C ALA B 253 9.94 -7.00 -2.16
N ASN B 254 9.98 -6.61 -0.89
CA ASN B 254 10.14 -7.58 0.19
C ASN B 254 8.82 -8.16 0.66
N ASP B 255 7.75 -7.85 -0.08
CA ASP B 255 6.43 -8.38 0.25
C ASP B 255 6.08 -9.55 -0.67
N ARG B 256 5.69 -10.67 -0.08
CA ARG B 256 5.43 -11.89 -0.84
C ARG B 256 4.27 -11.73 -1.83
N ALA B 257 3.24 -10.99 -1.45
CA ALA B 257 2.08 -10.79 -2.32
C ALA B 257 2.48 -10.08 -3.62
N TRP B 258 3.41 -9.13 -3.50
CA TRP B 258 3.98 -8.43 -4.64
C TRP B 258 4.74 -9.39 -5.56
N ARG B 259 5.64 -10.18 -5.00
CA ARG B 259 6.44 -11.10 -5.81
C ARG B 259 5.57 -12.17 -6.47
N ALA B 260 4.50 -12.59 -5.80
CA ALA B 260 3.65 -13.67 -6.31
C ALA B 260 2.76 -13.20 -7.45
N ALA B 261 2.43 -11.91 -7.45
CA ALA B 261 1.53 -11.35 -8.46
C ALA B 261 2.21 -11.16 -9.80
N GLU B 262 1.44 -10.72 -10.79
CA GLU B 262 2.04 -10.33 -12.07
C GLU B 262 1.89 -8.83 -12.35
N VAL B 263 2.99 -8.10 -12.15
CA VAL B 263 3.08 -6.68 -12.45
C VAL B 263 4.27 -6.48 -13.38
N PRO B 264 4.06 -6.80 -14.67
CA PRO B 264 5.16 -6.93 -15.62
C PRO B 264 5.88 -5.63 -15.93
N GLY B 265 5.43 -4.52 -15.38
CA GLY B 265 6.18 -3.29 -15.47
C GLY B 265 7.26 -3.18 -14.42
N ALA B 266 7.20 -4.01 -13.37
CA ALA B 266 8.02 -3.73 -12.20
C ALA B 266 8.35 -4.90 -11.25
N ASN B 267 7.76 -6.08 -11.40
CA ASN B 267 7.94 -7.09 -10.35
C ASN B 267 8.66 -8.39 -10.77
N GLY B 268 9.46 -8.32 -11.82
CA GLY B 268 10.25 -9.46 -12.26
C GLY B 268 11.24 -9.87 -11.19
N GLN B 269 11.27 -11.16 -10.86
CA GLN B 269 12.26 -11.71 -9.94
C GLN B 269 13.31 -12.46 -10.76
N GLY B 270 14.56 -12.04 -10.68
CA GLY B 270 15.57 -12.64 -11.52
C GLY B 270 16.96 -12.33 -11.03
N ASN B 271 17.95 -12.70 -11.83
CA ASN B 271 19.33 -12.37 -11.54
C ASN B 271 20.06 -12.03 -12.83
N GLY B 272 21.34 -11.68 -12.72
CA GLY B 272 22.12 -11.27 -13.87
C GLY B 272 22.19 -12.33 -14.95
N ARG B 273 22.24 -13.59 -14.53
CA ARG B 273 22.33 -14.69 -15.48
C ARG B 273 21.07 -14.82 -16.34
N GLY B 274 19.89 -14.75 -15.73
CA GLY B 274 18.64 -14.85 -16.47
C GLY B 274 18.49 -13.71 -17.48
N ILE B 275 18.79 -12.52 -17.00
CA ILE B 275 18.71 -11.31 -17.82
C ILE B 275 19.63 -11.44 -19.02
N ALA B 276 20.86 -11.89 -18.74
CA ALA B 276 21.89 -12.03 -19.76
C ALA B 276 21.58 -13.13 -20.76
N LYS B 277 20.88 -14.18 -20.32
CA LYS B 277 20.49 -15.23 -21.25
C LYS B 277 19.46 -14.71 -22.25
N VAL B 278 18.46 -13.98 -21.75
CA VAL B 278 17.46 -13.42 -22.66
C VAL B 278 18.08 -12.41 -23.66
N TYR B 279 18.81 -11.43 -23.13
CA TYR B 279 19.40 -10.44 -24.02
C TYR B 279 20.51 -11.05 -24.86
N GLY B 280 21.07 -12.15 -24.38
CA GLY B 280 22.09 -12.89 -25.12
C GLY B 280 21.48 -13.50 -26.36
N ALA B 281 20.31 -14.14 -26.22
CA ALA B 281 19.57 -14.65 -27.37
C ALA B 281 19.19 -13.51 -28.32
N LEU B 282 18.68 -12.41 -27.78
CA LEU B 282 18.27 -11.31 -28.65
C LEU B 282 19.46 -10.73 -29.42
N ALA B 283 20.63 -10.67 -28.78
CA ALA B 283 21.82 -10.11 -29.40
C ALA B 283 22.42 -11.06 -30.43
N ASN B 284 22.06 -12.33 -30.34
CA ASN B 284 22.60 -13.34 -31.22
C ASN B 284 21.63 -13.74 -32.33
N GLY B 285 20.74 -12.84 -32.71
CA GLY B 285 19.80 -13.10 -33.79
C GLY B 285 18.66 -14.02 -33.41
N GLY B 286 18.46 -14.23 -32.11
CA GLY B 286 17.30 -14.94 -31.62
C GLY B 286 17.53 -16.34 -31.08
N THR B 287 18.79 -16.74 -30.96
CA THR B 287 19.13 -18.09 -30.50
C THR B 287 20.13 -18.07 -29.35
N LEU B 288 19.92 -18.96 -28.40
CA LEU B 288 20.87 -19.11 -27.30
C LEU B 288 21.13 -20.60 -27.15
N GLY B 289 22.42 -20.98 -27.18
CA GLY B 289 22.80 -22.37 -27.05
C GLY B 289 22.08 -23.27 -28.05
N GLY B 290 21.89 -22.78 -29.26
CA GLY B 290 21.30 -23.58 -30.33
C GLY B 290 19.77 -23.64 -30.37
N THR B 291 19.09 -23.01 -29.42
CA THR B 291 17.63 -22.99 -29.44
C THR B 291 17.08 -21.61 -29.80
N ARG B 292 16.13 -21.57 -30.75
CA ARG B 292 15.61 -20.30 -31.26
C ARG B 292 14.28 -19.92 -30.62
N ILE B 293 14.17 -18.69 -30.12
CA ILE B 293 12.89 -18.24 -29.59
C ILE B 293 12.25 -17.22 -30.50
N ILE B 294 13.03 -16.64 -31.40
CA ILE B 294 12.50 -15.65 -32.33
C ILE B 294 13.40 -15.54 -33.54
N SER B 295 12.83 -15.12 -34.67
CA SER B 295 13.63 -14.89 -35.87
C SER B 295 14.39 -13.58 -35.74
N ALA B 296 15.49 -13.45 -36.48
CA ALA B 296 16.29 -12.23 -36.45
C ALA B 296 15.48 -11.03 -36.95
N LYS B 297 14.61 -11.28 -37.94
CA LYS B 297 13.68 -10.26 -38.42
C LYS B 297 12.76 -9.74 -37.30
N GLY B 298 12.31 -10.64 -36.43
CA GLY B 298 11.43 -10.28 -35.34
C GLY B 298 12.10 -9.30 -34.41
N ILE B 299 13.37 -9.54 -34.16
CA ILE B 299 14.17 -8.65 -33.34
C ILE B 299 14.31 -7.30 -34.01
N ALA B 300 14.59 -7.29 -35.31
CA ALA B 300 14.67 -6.03 -36.06
C ALA B 300 13.39 -5.21 -35.92
N GLU B 301 12.25 -5.88 -36.01
CA GLU B 301 10.97 -5.19 -35.95
C GLU B 301 10.69 -4.66 -34.55
N MSE B 302 10.99 -5.45 -33.53
CA MSE B 302 10.65 -5.02 -32.17
C MSE B 302 11.53 -3.88 -31.69
O MSE B 302 11.14 -3.14 -30.79
CB MSE B 302 10.70 -6.21 -31.20
CG MSE B 302 12.02 -6.43 -30.49
SE MSE B 302 11.95 -8.15 -29.51
CE MSE B 302 11.35 -9.11 -31.02
N THR B 303 12.69 -3.69 -32.32
CA THR B 303 13.61 -2.65 -31.88
C THR B 303 13.61 -1.41 -32.80
N ARG B 304 12.66 -1.31 -33.73
CA ARG B 304 12.49 -0.11 -34.55
C ARG B 304 12.24 1.13 -33.69
N GLU B 305 12.98 2.22 -33.95
CA GLU B 305 12.75 3.44 -33.18
C GLU B 305 11.37 4.03 -33.47
N GLU B 306 10.61 4.25 -32.42
CA GLU B 306 9.27 4.78 -32.56
C GLU B 306 9.25 6.27 -32.28
N CYS B 307 10.05 6.70 -31.30
CA CYS B 307 10.13 8.14 -31.09
C CYS B 307 11.41 8.54 -30.35
N PHE B 308 11.73 9.82 -30.43
CA PHE B 308 12.90 10.38 -29.76
C PHE B 308 12.56 11.78 -29.26
N ARG B 309 12.04 11.86 -28.05
CA ARG B 309 11.50 13.12 -27.55
C ARG B 309 11.72 13.23 -26.06
N LYS B 310 11.69 14.46 -25.54
CA LYS B 310 11.71 14.65 -24.10
C LYS B 310 10.47 13.97 -23.50
N ASP B 311 10.69 13.10 -22.53
CA ASP B 311 9.62 12.28 -21.97
C ASP B 311 8.85 13.07 -20.90
N GLU B 312 7.52 13.03 -20.97
CA GLU B 312 6.66 13.78 -20.04
C GLU B 312 6.81 13.33 -18.60
N VAL B 313 7.32 12.12 -18.39
CA VAL B 313 7.40 11.55 -17.05
C VAL B 313 8.84 11.49 -16.55
N ILE B 314 9.73 10.99 -17.40
CA ILE B 314 11.14 10.81 -17.04
C ILE B 314 11.84 12.18 -17.08
N GLY B 315 11.43 13.05 -17.99
CA GLY B 315 11.89 14.42 -17.98
C GLY B 315 13.14 14.70 -18.80
N VAL B 316 13.66 13.68 -19.45
CA VAL B 316 14.77 13.85 -20.38
C VAL B 316 14.43 13.22 -21.73
N ARG B 317 15.26 13.46 -22.74
CA ARG B 317 15.01 12.92 -24.09
C ARG B 317 15.18 11.41 -24.16
N MSE B 318 14.07 10.71 -24.36
CA MSE B 318 14.09 9.25 -24.47
C MSE B 318 14.00 8.81 -25.92
O MSE B 318 13.30 9.43 -26.75
CB MSE B 318 12.96 8.62 -23.65
CG MSE B 318 13.08 8.83 -22.15
SE MSE B 318 14.65 7.93 -21.36
CE MSE B 318 16.02 9.27 -21.59
N ARG B 319 14.70 7.72 -26.20
CA ARG B 319 14.69 7.13 -27.52
C ARG B 319 14.00 5.76 -27.41
N TRP B 320 12.70 5.75 -27.70
CA TRP B 320 11.87 4.55 -27.52
C TRP B 320 11.65 3.73 -28.79
N SER B 321 11.79 2.41 -28.64
CA SER B 321 11.33 1.45 -29.64
C SER B 321 10.03 0.80 -29.17
N ARG B 322 9.73 -0.38 -29.68
CA ARG B 322 8.52 -1.07 -29.26
C ARG B 322 8.73 -1.78 -27.93
N GLY B 323 9.02 -1.01 -26.89
CA GLY B 323 9.14 -1.58 -25.56
C GLY B 323 10.54 -1.45 -24.97
N PHE B 324 11.55 -1.28 -25.82
CA PHE B 324 12.94 -1.18 -25.36
C PHE B 324 13.49 0.24 -25.39
N ILE B 325 14.34 0.55 -24.43
CA ILE B 325 15.14 1.78 -24.50
C ILE B 325 16.25 1.58 -25.54
N LEU B 326 16.35 2.51 -26.50
CA LEU B 326 17.45 2.48 -27.45
C LEU B 326 18.59 3.32 -26.93
N ASN B 327 19.82 2.92 -27.24
CA ASN B 327 21.02 3.54 -26.67
C ASN B 327 21.13 5.03 -26.96
N LYS B 328 21.60 5.76 -25.97
CA LYS B 328 21.86 7.18 -26.09
C LYS B 328 22.94 7.54 -25.08
N ALA B 329 23.93 8.31 -25.52
CA ALA B 329 25.03 8.75 -24.65
C ALA B 329 25.76 7.58 -23.98
N GLU B 330 25.89 6.49 -24.73
CA GLU B 330 26.61 5.29 -24.29
C GLU B 330 26.07 4.66 -23.00
N LEU B 331 24.78 4.87 -22.73
CA LEU B 331 24.10 4.20 -21.62
C LEU B 331 24.33 2.70 -21.64
N TYR B 332 24.26 2.13 -22.83
CA TYR B 332 24.42 0.68 -23.06
C TYR B 332 25.63 0.39 -23.93
N GLY B 333 26.71 1.12 -23.70
CA GLY B 333 27.95 0.89 -24.42
C GLY B 333 28.13 1.70 -25.69
N PRO B 334 29.17 1.38 -26.47
CA PRO B 334 29.57 2.14 -27.66
C PRO B 334 28.76 1.87 -28.93
N ASN B 335 27.98 0.79 -28.98
CA ASN B 335 27.09 0.57 -30.13
C ASN B 335 25.84 1.43 -29.95
N PRO B 336 25.65 2.39 -30.87
CA PRO B 336 24.53 3.34 -30.76
C PRO B 336 23.16 2.66 -30.89
N ASP B 337 23.13 1.46 -31.48
CA ASP B 337 21.87 0.75 -31.67
C ASP B 337 21.65 -0.40 -30.68
N ALA B 338 22.42 -0.40 -29.59
CA ALA B 338 22.18 -1.35 -28.52
C ALA B 338 20.81 -1.06 -27.91
N PHE B 339 20.12 -2.09 -27.43
CA PHE B 339 18.79 -1.86 -26.88
C PHE B 339 18.62 -2.65 -25.60
N GLY B 340 17.81 -2.16 -24.69
CA GLY B 340 17.56 -2.89 -23.45
C GLY B 340 16.60 -2.19 -22.53
N HIS B 341 16.71 -2.49 -21.25
CA HIS B 341 15.93 -1.76 -20.26
C HIS B 341 16.63 -1.80 -18.90
N SER B 342 16.50 -0.69 -18.17
CA SER B 342 17.11 -0.57 -16.87
C SER B 342 16.02 -0.52 -15.83
N GLY B 343 16.39 -0.73 -14.57
CA GLY B 343 15.44 -0.74 -13.49
C GLY B 343 15.83 0.18 -12.35
N TRP B 344 14.83 0.67 -11.63
CA TRP B 344 15.02 1.51 -10.46
C TRP B 344 15.98 0.86 -9.47
N GLY B 345 17.05 1.57 -9.13
CA GLY B 345 18.02 1.09 -8.16
C GLY B 345 19.34 0.72 -8.80
N GLY B 346 19.30 0.29 -10.05
CA GLY B 346 20.51 0.04 -10.79
C GLY B 346 20.57 -1.21 -11.65
N SER B 347 19.63 -2.14 -11.51
CA SER B 347 19.70 -3.34 -12.35
C SER B 347 19.49 -2.97 -13.82
N PHE B 348 19.98 -3.82 -14.72
CA PHE B 348 19.74 -3.58 -16.14
C PHE B 348 20.03 -4.81 -16.99
N GLY B 349 19.57 -4.74 -18.23
CA GLY B 349 19.95 -5.71 -19.23
C GLY B 349 19.97 -5.05 -20.59
N PHE B 350 20.87 -5.48 -21.46
CA PHE B 350 20.82 -5.02 -22.84
C PHE B 350 21.46 -5.97 -23.84
N ALA B 351 21.12 -5.74 -25.09
CA ALA B 351 21.64 -6.49 -26.22
C ALA B 351 22.34 -5.55 -27.19
N ASP B 352 23.44 -6.04 -27.75
CA ASP B 352 24.25 -5.34 -28.73
C ASP B 352 24.44 -6.32 -29.88
N THR B 353 23.69 -6.14 -30.94
CA THR B 353 23.69 -7.12 -32.02
C THR B 353 25.00 -7.08 -32.80
N LYS B 354 25.70 -5.95 -32.78
CA LYS B 354 26.98 -5.84 -33.45
C LYS B 354 28.01 -6.78 -32.81
N ALA B 355 28.17 -6.69 -31.49
CA ALA B 355 29.11 -7.55 -30.80
C ALA B 355 28.54 -8.94 -30.47
N ARG B 356 27.29 -9.19 -30.86
CA ARG B 356 26.59 -10.43 -30.46
C ARG B 356 26.65 -10.56 -28.93
N LEU B 357 26.44 -9.44 -28.24
CA LEU B 357 26.66 -9.38 -26.80
C LEU B 357 25.37 -9.12 -26.02
N GLY B 358 25.13 -9.92 -24.98
CA GLY B 358 24.01 -9.68 -24.09
C GLY B 358 24.54 -9.53 -22.68
N MSE B 359 23.96 -8.60 -21.92
CA MSE B 359 24.47 -8.37 -20.58
C MSE B 359 23.33 -8.21 -19.60
O MSE B 359 22.28 -7.63 -19.93
CB MSE B 359 25.35 -7.13 -20.55
CG MSE B 359 25.94 -6.83 -19.18
SE MSE B 359 27.23 -5.34 -19.18
CE MSE B 359 28.28 -5.85 -20.76
N GLY B 360 23.54 -8.75 -18.39
CA GLY B 360 22.55 -8.65 -17.33
C GLY B 360 23.21 -8.39 -15.98
N TYR B 361 22.56 -7.54 -15.18
CA TYR B 361 23.10 -7.19 -13.87
C TYR B 361 21.97 -6.93 -12.89
N ALA B 362 22.03 -7.62 -11.75
CA ALA B 362 20.95 -7.49 -10.77
C ALA B 362 21.49 -7.52 -9.35
N MSE B 363 21.08 -6.55 -8.53
CA MSE B 363 21.65 -6.42 -7.19
C MSE B 363 20.60 -6.03 -6.16
O MSE B 363 19.48 -5.65 -6.51
CB MSE B 363 22.76 -5.38 -7.21
CG MSE B 363 22.23 -3.97 -7.09
SE MSE B 363 21.18 -3.36 -8.64
CE MSE B 363 22.44 -1.99 -9.14
N ASN B 364 20.94 -6.13 -4.86
CA ASN B 364 19.95 -5.78 -3.84
C ASN B 364 20.17 -4.43 -3.15
N GLN B 365 21.33 -3.80 -3.37
CA GLN B 365 21.54 -2.45 -2.84
C GLN B 365 21.19 -1.37 -3.85
N MSE B 366 20.08 -0.68 -3.62
CA MSE B 366 19.63 0.33 -4.56
C MSE B 366 20.47 1.59 -4.49
O MSE B 366 20.94 1.97 -3.41
CB MSE B 366 18.16 0.67 -4.30
CG MSE B 366 17.23 -0.52 -4.48
SE MSE B 366 15.37 0.04 -4.27
CE MSE B 366 15.43 1.55 -5.53
N ASP B 367 20.67 2.23 -5.63
CA ASP B 367 21.22 3.58 -5.71
C ASP B 367 20.18 4.49 -6.37
N THR B 368 20.34 5.81 -6.24
CA THR B 368 19.34 6.77 -6.73
C THR B 368 19.47 7.03 -8.24
N ASN B 369 18.78 6.21 -9.01
CA ASN B 369 18.81 6.26 -10.48
C ASN B 369 17.84 5.25 -11.06
N ILE B 370 17.38 5.50 -12.27
CA ILE B 370 16.56 4.50 -12.97
C ILE B 370 17.28 4.01 -14.22
N PHE B 371 18.42 4.64 -14.51
CA PHE B 371 19.39 4.13 -15.49
C PHE B 371 20.72 4.84 -15.31
N GLY B 372 21.80 4.16 -15.71
CA GLY B 372 23.14 4.73 -15.68
C GLY B 372 23.85 4.72 -14.34
N ASP B 373 23.62 3.65 -13.56
CA ASP B 373 24.32 3.45 -12.30
C ASP B 373 25.83 3.31 -12.56
N PRO B 374 26.65 3.93 -11.70
CA PRO B 374 28.13 3.87 -11.78
C PRO B 374 28.67 2.43 -11.85
N ARG B 375 28.09 1.54 -11.07
CA ARG B 375 28.44 0.13 -11.07
C ARG B 375 28.32 -0.48 -12.46
N GLY B 376 27.19 -0.19 -13.09
CA GLY B 376 26.94 -0.67 -14.44
C GLY B 376 27.91 -0.06 -15.42
N VAL B 377 28.20 1.24 -15.27
CA VAL B 377 29.13 1.93 -16.15
C VAL B 377 30.49 1.22 -16.13
N ARG B 378 30.91 0.87 -14.92
CA ARG B 378 32.18 0.20 -14.70
C ARG B 378 32.21 -1.16 -15.42
N LEU B 379 31.16 -1.94 -15.21
CA LEU B 379 31.09 -3.25 -15.85
C LEU B 379 31.06 -3.20 -17.39
N ILE B 380 30.26 -2.27 -17.93
CA ILE B 380 30.12 -2.09 -19.37
C ILE B 380 31.43 -1.69 -20.01
N GLU B 381 32.11 -0.74 -19.36
CA GLU B 381 33.40 -0.28 -19.86
C GLU B 381 34.44 -1.41 -19.86
N ALA B 382 34.49 -2.17 -18.77
CA ALA B 382 35.43 -3.30 -18.73
C ALA B 382 35.14 -4.29 -19.87
N ALA B 383 33.86 -4.62 -20.01
CA ALA B 383 33.45 -5.60 -21.00
C ALA B 383 33.83 -5.18 -22.41
N TYR B 384 33.63 -3.91 -22.73
CA TYR B 384 33.97 -3.47 -24.09
C TYR B 384 35.48 -3.17 -24.23
N ARG B 385 36.18 -3.07 -23.11
CA ARG B 385 37.65 -3.05 -23.17
C ARG B 385 38.15 -4.45 -23.52
N CYS B 386 37.32 -5.46 -23.26
CA CYS B 386 37.72 -6.85 -23.53
C CYS B 386 37.45 -7.30 -24.97
N LEU B 387 36.98 -6.39 -25.83
CA LEU B 387 36.70 -6.71 -27.22
C LEU B 387 37.74 -6.12 -28.15
C PMS C . -21.58 6.46 17.25
S PMS C . -20.76 5.75 18.66
C1 PMS C . -23.08 6.57 17.45
C2 PMS C . -23.92 5.55 17.02
C3 PMS C . -25.30 5.66 17.20
C4 PMS C . -25.83 6.79 17.79
C5 PMS C . -25.00 7.82 18.21
C6 PMS C . -23.63 7.71 18.03
O2S PMS C . -21.44 6.04 19.98
O1S PMS C . -20.84 4.25 18.63
C PMS D . 9.65 1.31 -12.23
S PMS D . 11.19 1.24 -13.13
C1 PMS D . 9.52 2.56 -11.39
C2 PMS D . 10.55 2.98 -10.55
C3 PMS D . 10.41 4.13 -9.78
C4 PMS D . 9.23 4.86 -9.84
C5 PMS D . 8.21 4.45 -10.68
C6 PMS D . 8.35 3.31 -11.45
O2S PMS D . 11.72 2.57 -13.59
O1S PMS D . 12.34 0.69 -12.32
#